data_1QZ2
#
_entry.id   1QZ2
#
_cell.length_a   111.613
_cell.length_b   144.417
_cell.length_c   170.815
_cell.angle_alpha   90.00
_cell.angle_beta   90.00
_cell.angle_gamma   90.00
#
_symmetry.space_group_name_H-M   'C 2 2 21'
#
loop_
_entity.id
_entity.type
_entity.pdbx_description
1 polymer 'FK506-binding protein 4'
2 polymer '5-mer peptide from Heat shock protein HSP 90'
3 water water
#
loop_
_entity_poly.entity_id
_entity_poly.type
_entity_poly.pdbx_seq_one_letter_code
_entity_poly.pdbx_strand_id
1 'polypeptide(L)'
;MGSSHHHHHHSSGLVPRGSHMEEDGGIIRRIQTRGEGYAKPNEGAIVEVALEGYYKDKLFDQRELRFEIGEGENLDLPYG
LERAIQRMEKGEHSIVYLKPSYAFGSVGKEKFQIPPNAELKYELHLKSFEKAKESWEMNSEEKLEQSTIVKERGTVYFKE
GKYKQALLQYKKIVSWLEYESSFSNEEAQKAQALRLASHLNLAMCHLKLQAFSAAIESCNKALELDSNNEKGLFRRGEAH
LAVNDFELARADFQKVLQLYPNNKAAKTQLAVCQQRIRRQLAREKKLYANMFERLAEEENKAKAEASSGDHPTDTEMKEE
QKSNTAGSQSQVETEA
;
A,B,C
2 'polypeptide(L)' MEEVD G,H
#
# COMPACT_ATOMS: atom_id res chain seq x y z
N GLY A 18 24.61 -34.09 1.77
CA GLY A 18 24.31 -32.77 2.37
C GLY A 18 25.17 -31.67 1.76
N SER A 19 26.16 -31.19 2.52
CA SER A 19 27.09 -30.12 2.12
C SER A 19 26.35 -28.86 1.72
N HIS A 20 25.23 -28.60 2.41
CA HIS A 20 24.42 -27.41 2.17
C HIS A 20 25.27 -26.33 1.47
N MET A 21 25.90 -25.49 2.29
CA MET A 21 26.74 -24.39 1.82
C MET A 21 26.70 -24.08 0.35
N GLU A 22 25.65 -23.35 0.01
CA GLU A 22 25.42 -22.87 -1.31
C GLU A 22 24.78 -21.52 -1.02
N GLU A 23 25.41 -20.82 -0.07
CA GLU A 23 25.02 -19.47 0.33
C GLU A 23 25.87 -18.58 -0.60
N ASP A 24 26.32 -19.24 -1.66
CA ASP A 24 27.14 -18.66 -2.70
C ASP A 24 28.35 -17.95 -2.14
N GLY A 25 29.18 -18.68 -1.41
CA GLY A 25 30.38 -18.10 -0.84
C GLY A 25 30.20 -16.88 0.04
N GLY A 26 28.99 -16.65 0.56
CA GLY A 26 28.76 -15.51 1.44
C GLY A 26 29.64 -15.70 2.66
N ILE A 27 29.79 -16.96 3.05
CA ILE A 27 30.60 -17.35 4.18
C ILE A 27 31.73 -18.24 3.68
N ILE A 28 32.97 -17.75 3.81
CA ILE A 28 34.14 -18.50 3.37
C ILE A 28 35.27 -18.49 4.38
N ARG A 29 35.89 -19.65 4.59
CA ARG A 29 36.98 -19.78 5.54
C ARG A 29 38.21 -20.51 5.01
N ARG A 30 39.37 -20.14 5.55
CA ARG A 30 40.64 -20.75 5.17
C ARG A 30 41.29 -21.36 6.40
N ILE A 31 41.52 -22.66 6.36
CA ILE A 31 42.11 -23.39 7.48
C ILE A 31 43.57 -23.04 7.77
N GLN A 32 43.79 -21.86 8.35
CA GLN A 32 45.13 -21.37 8.70
C GLN A 32 45.93 -22.45 9.41
N THR A 33 45.27 -23.11 10.34
CA THR A 33 45.87 -24.16 11.14
C THR A 33 44.85 -25.27 11.32
N ARG A 34 45.21 -26.48 10.93
CA ARG A 34 44.31 -27.62 11.08
C ARG A 34 44.16 -27.84 12.60
N GLY A 35 43.73 -29.02 13.02
CA GLY A 35 43.59 -29.24 14.44
C GLY A 35 42.69 -30.38 14.87
N GLU A 36 43.30 -31.54 15.14
CA GLU A 36 42.57 -32.73 15.57
C GLU A 36 41.11 -32.73 15.14
N GLY A 37 40.19 -32.61 16.09
CA GLY A 37 38.78 -32.59 15.76
C GLY A 37 38.24 -33.88 15.16
N TYR A 38 37.01 -34.20 15.51
CA TYR A 38 36.34 -35.41 15.03
C TYR A 38 34.89 -35.08 14.69
N ALA A 39 34.37 -34.04 15.36
CA ALA A 39 33.01 -33.58 15.16
C ALA A 39 32.99 -32.05 15.27
N LYS A 40 31.83 -31.47 14.96
CA LYS A 40 31.69 -30.01 14.97
C LYS A 40 30.65 -29.48 15.95
N PRO A 41 30.77 -28.19 16.32
CA PRO A 41 29.85 -27.53 17.24
C PRO A 41 28.52 -27.35 16.54
N ASN A 42 27.42 -27.63 17.22
CA ASN A 42 26.13 -27.51 16.58
C ASN A 42 25.27 -26.47 17.26
N GLU A 43 24.00 -26.43 16.85
CA GLU A 43 23.02 -25.50 17.39
C GLU A 43 23.13 -25.45 18.93
N GLY A 44 22.98 -24.26 19.50
CA GLY A 44 23.05 -24.10 20.95
C GLY A 44 24.20 -24.72 21.72
N ALA A 45 25.35 -24.92 21.09
CA ALA A 45 26.51 -25.51 21.76
C ALA A 45 27.34 -24.48 22.53
N ILE A 46 27.89 -24.86 23.69
CA ILE A 46 28.73 -23.94 24.47
C ILE A 46 30.11 -23.89 23.83
N VAL A 47 30.32 -22.84 23.04
CA VAL A 47 31.57 -22.63 22.33
C VAL A 47 32.52 -21.68 23.03
N GLU A 48 33.80 -22.02 23.00
CA GLU A 48 34.83 -21.19 23.61
C GLU A 48 35.65 -20.82 22.38
N VAL A 49 35.82 -19.53 22.14
CA VAL A 49 36.52 -19.12 20.94
C VAL A 49 37.31 -17.82 21.03
N ALA A 50 38.36 -17.74 20.21
CA ALA A 50 39.22 -16.55 20.11
C ALA A 50 38.76 -15.81 18.85
N LEU A 51 38.36 -14.55 19.02
CA LEU A 51 37.86 -13.80 17.87
C LEU A 51 38.64 -12.59 17.42
N GLU A 52 38.77 -12.47 16.10
CA GLU A 52 39.46 -11.35 15.44
C GLU A 52 38.77 -11.03 14.12
N GLY A 53 38.04 -9.91 14.10
CA GLY A 53 37.32 -9.52 12.89
C GLY A 53 37.61 -8.11 12.42
N TYR A 54 37.82 -7.95 11.11
CA TYR A 54 38.14 -6.66 10.52
C TYR A 54 37.25 -6.25 9.35
N TYR A 55 37.12 -4.93 9.19
CA TYR A 55 36.35 -4.32 8.10
C TYR A 55 37.36 -3.50 7.30
N LYS A 56 37.37 -3.66 5.98
CA LYS A 56 38.33 -2.96 5.13
C LYS A 56 39.69 -3.60 5.42
N ASP A 57 40.10 -3.49 6.68
CA ASP A 57 41.36 -4.06 7.16
C ASP A 57 41.59 -3.52 8.56
N LYS A 58 40.62 -2.76 9.04
CA LYS A 58 40.67 -2.18 10.38
C LYS A 58 40.05 -3.13 11.40
N LEU A 59 40.67 -3.22 12.58
CA LEU A 59 40.17 -4.09 13.63
C LEU A 59 39.10 -3.41 14.47
N PHE A 60 37.98 -4.10 14.65
CA PHE A 60 36.90 -3.56 15.45
C PHE A 60 36.59 -4.51 16.59
N ASP A 61 36.90 -5.79 16.37
CA ASP A 61 36.62 -6.78 17.40
C ASP A 61 37.81 -7.67 17.77
N GLN A 62 38.17 -7.59 19.04
CA GLN A 62 39.25 -8.39 19.61
C GLN A 62 38.72 -8.91 20.93
N ARG A 63 38.70 -10.22 21.09
CA ARG A 63 38.21 -10.84 22.32
C ARG A 63 38.10 -12.35 22.18
N GLU A 64 38.00 -13.01 23.34
CA GLU A 64 37.87 -14.46 23.39
C GLU A 64 36.59 -14.81 24.12
N LEU A 65 35.47 -14.70 23.41
CA LEU A 65 34.16 -15.00 23.97
C LEU A 65 33.85 -16.48 24.13
N ARG A 66 33.02 -16.79 25.12
CA ARG A 66 32.57 -18.16 25.38
C ARG A 66 31.04 -18.05 25.40
N PHE A 67 30.42 -18.40 24.28
CA PHE A 67 28.97 -18.29 24.15
C PHE A 67 28.29 -19.50 23.57
N GLU A 68 26.95 -19.49 23.64
CA GLU A 68 26.12 -20.56 23.12
C GLU A 68 25.82 -20.22 21.66
N ILE A 69 25.96 -21.18 20.75
CA ILE A 69 25.69 -20.91 19.34
C ILE A 69 24.23 -20.55 19.10
N GLY A 70 23.99 -19.39 18.52
CA GLY A 70 22.62 -18.95 18.28
C GLY A 70 22.34 -17.83 19.24
N GLU A 71 23.34 -17.57 20.07
CA GLU A 71 23.29 -16.53 21.08
C GLU A 71 24.08 -15.32 20.59
N GLY A 72 24.81 -15.50 19.49
CA GLY A 72 25.64 -14.45 18.93
C GLY A 72 25.01 -13.09 18.65
N GLU A 73 23.73 -13.05 18.31
CA GLU A 73 23.08 -11.76 18.00
C GLU A 73 23.23 -10.76 19.15
N ASN A 74 23.04 -11.23 20.39
CA ASN A 74 23.13 -10.36 21.56
C ASN A 74 24.57 -10.04 21.91
N LEU A 75 25.51 -10.64 21.20
CA LEU A 75 26.92 -10.40 21.47
C LEU A 75 27.67 -9.80 20.31
N ASP A 76 27.01 -8.87 19.61
CA ASP A 76 27.59 -8.18 18.47
C ASP A 76 28.43 -9.07 17.56
N LEU A 77 27.80 -10.15 17.06
CA LEU A 77 28.48 -11.07 16.16
C LEU A 77 27.60 -11.30 14.94
N PRO A 78 28.16 -11.09 13.73
CA PRO A 78 27.44 -11.26 12.46
C PRO A 78 26.83 -12.65 12.28
N TYR A 79 25.55 -12.71 11.92
CA TYR A 79 24.89 -13.98 11.71
C TYR A 79 25.83 -15.00 11.09
N GLY A 80 26.48 -14.60 10.00
CA GLY A 80 27.39 -15.47 9.29
C GLY A 80 28.50 -16.10 10.11
N LEU A 81 28.96 -15.40 11.13
CA LEU A 81 30.04 -15.93 11.96
C LEU A 81 29.65 -17.18 12.75
N GLU A 82 28.36 -17.38 13.00
CA GLU A 82 27.96 -18.55 13.75
C GLU A 82 27.93 -19.79 12.89
N ARG A 83 27.39 -19.69 11.68
CA ARG A 83 27.33 -20.85 10.79
C ARG A 83 28.75 -21.30 10.44
N ALA A 84 29.68 -20.36 10.45
CA ALA A 84 31.06 -20.67 10.12
C ALA A 84 31.66 -21.53 11.24
N ILE A 85 31.52 -21.05 12.47
CA ILE A 85 32.03 -21.77 13.63
C ILE A 85 31.44 -23.17 13.70
N GLN A 86 30.19 -23.28 13.29
CA GLN A 86 29.49 -24.55 13.28
C GLN A 86 30.09 -25.51 12.27
N ARG A 87 31.22 -25.13 11.69
CA ARG A 87 31.87 -25.97 10.70
C ARG A 87 33.36 -26.07 10.97
N MET A 88 33.75 -26.04 12.25
CA MET A 88 35.16 -26.10 12.60
C MET A 88 35.58 -27.41 13.27
N GLU A 89 36.88 -27.52 13.56
CA GLU A 89 37.46 -28.70 14.23
C GLU A 89 37.55 -28.36 15.71
N LYS A 90 38.30 -29.15 16.46
CA LYS A 90 38.48 -28.87 17.88
C LYS A 90 39.38 -27.64 17.91
N GLY A 91 40.64 -27.80 18.28
CA GLY A 91 41.54 -26.66 18.32
C GLY A 91 41.90 -26.09 16.96
N GLU A 92 40.91 -25.94 16.08
CA GLU A 92 41.15 -25.42 14.73
C GLU A 92 41.25 -23.90 14.64
N HIS A 93 42.00 -23.42 13.64
CA HIS A 93 42.17 -21.99 13.39
C HIS A 93 41.79 -21.71 11.94
N SER A 94 41.43 -20.48 11.64
CA SER A 94 41.06 -20.11 10.27
C SER A 94 40.60 -18.65 10.19
N ILE A 95 40.02 -18.30 9.05
CA ILE A 95 39.51 -16.95 8.83
C ILE A 95 38.26 -16.99 7.97
N VAL A 96 37.28 -16.17 8.33
CA VAL A 96 36.01 -16.11 7.61
C VAL A 96 35.84 -14.78 6.89
N TYR A 97 35.40 -14.86 5.64
CA TYR A 97 35.13 -13.67 4.86
C TYR A 97 33.65 -13.66 4.62
N LEU A 98 32.97 -12.70 5.26
CA LEU A 98 31.52 -12.59 5.16
C LEU A 98 31.04 -11.57 4.16
N LYS A 99 30.20 -12.02 3.23
CA LYS A 99 29.64 -11.11 2.25
C LYS A 99 28.63 -10.29 3.04
N PRO A 100 28.42 -9.02 2.66
CA PRO A 100 27.48 -8.13 3.34
C PRO A 100 26.23 -8.77 3.91
N SER A 101 25.55 -9.60 3.14
CA SER A 101 24.30 -10.21 3.60
C SER A 101 24.44 -11.13 4.82
N TYR A 102 25.66 -11.49 5.19
CA TYR A 102 25.87 -12.37 6.34
C TYR A 102 26.70 -11.70 7.42
N ALA A 103 26.44 -10.42 7.69
CA ALA A 103 27.20 -9.72 8.71
C ALA A 103 26.74 -8.29 8.92
N PHE A 104 25.84 -8.07 9.87
CA PHE A 104 25.33 -6.72 10.16
C PHE A 104 24.58 -6.19 8.95
N GLY A 105 24.84 -6.79 7.79
CA GLY A 105 24.21 -6.40 6.54
C GLY A 105 23.76 -4.97 6.40
N SER A 106 22.50 -4.81 5.96
CA SER A 106 21.86 -3.52 5.72
C SER A 106 21.82 -2.58 6.92
N VAL A 107 21.50 -3.11 8.09
CA VAL A 107 21.43 -2.29 9.28
C VAL A 107 22.82 -1.87 9.70
N GLY A 108 23.83 -2.44 9.05
CA GLY A 108 25.20 -2.11 9.38
C GLY A 108 25.45 -2.46 10.83
N LYS A 109 26.14 -1.59 11.56
CA LYS A 109 26.42 -1.84 12.97
C LYS A 109 27.24 -0.70 13.54
N GLU A 110 26.62 0.12 14.39
CA GLU A 110 27.31 1.23 15.01
C GLU A 110 28.19 0.64 16.10
N LYS A 111 28.61 1.46 17.06
CA LYS A 111 29.49 0.99 18.14
C LYS A 111 30.61 0.11 17.59
N PHE A 112 30.70 0.10 16.26
CA PHE A 112 31.68 -0.66 15.50
C PHE A 112 31.67 0.06 14.15
N GLN A 113 30.72 0.98 14.04
CA GLN A 113 30.51 1.78 12.85
C GLN A 113 30.87 1.06 11.56
N ILE A 114 30.02 0.11 11.20
CA ILE A 114 30.18 -0.67 9.98
C ILE A 114 29.03 -0.32 9.07
N PRO A 115 29.30 0.50 8.05
CA PRO A 115 28.29 0.93 7.08
C PRO A 115 27.49 -0.21 6.48
N PRO A 116 26.20 0.05 6.19
CA PRO A 116 25.29 -0.94 5.61
C PRO A 116 25.85 -1.55 4.32
N ASN A 117 25.68 -2.86 4.18
CA ASN A 117 26.16 -3.58 3.00
C ASN A 117 27.67 -3.65 2.95
N ALA A 118 28.28 -3.92 4.10
CA ALA A 118 29.74 -4.02 4.18
C ALA A 118 30.17 -5.49 4.29
N GLU A 119 31.46 -5.73 4.11
CA GLU A 119 32.00 -7.08 4.21
C GLU A 119 32.87 -7.16 5.44
N LEU A 120 33.18 -8.38 5.87
CA LEU A 120 34.01 -8.56 7.05
C LEU A 120 35.09 -9.63 6.89
N LYS A 121 36.03 -9.61 7.83
CA LYS A 121 37.12 -10.56 7.86
C LYS A 121 37.17 -11.07 9.29
N TYR A 122 37.22 -12.38 9.47
CA TYR A 122 37.28 -12.93 10.83
C TYR A 122 38.31 -14.04 11.00
N GLU A 123 39.18 -13.86 11.98
CA GLU A 123 40.19 -14.87 12.27
C GLU A 123 39.80 -15.52 13.57
N LEU A 124 39.17 -16.68 13.49
CA LEU A 124 38.69 -17.39 14.68
C LEU A 124 39.37 -18.72 15.02
N HIS A 125 39.66 -18.87 16.30
CA HIS A 125 40.31 -20.05 16.86
C HIS A 125 39.30 -20.71 17.80
N LEU A 126 38.81 -21.89 17.40
CA LEU A 126 37.86 -22.63 18.20
C LEU A 126 38.59 -23.52 19.21
N LYS A 127 38.46 -23.20 20.49
CA LYS A 127 39.12 -23.98 21.55
C LYS A 127 38.33 -25.26 21.81
N SER A 128 37.58 -25.30 22.91
CA SER A 128 36.77 -26.47 23.23
C SER A 128 35.33 -26.16 22.79
N PHE A 129 34.37 -26.94 23.30
CA PHE A 129 32.96 -26.74 22.98
C PHE A 129 32.17 -28.00 23.28
N GLU A 130 31.02 -27.84 23.92
CA GLU A 130 30.18 -28.97 24.26
C GLU A 130 28.93 -28.90 23.38
N LYS A 131 28.86 -29.80 22.41
CA LYS A 131 27.74 -29.88 21.47
C LYS A 131 26.40 -29.93 22.19
N ALA A 132 25.36 -29.35 21.60
CA ALA A 132 24.05 -29.37 22.23
C ALA A 132 23.33 -30.64 21.83
N LYS A 133 22.97 -31.44 22.82
CA LYS A 133 22.28 -32.68 22.54
C LYS A 133 21.00 -32.44 21.75
N GLU A 134 20.76 -33.28 20.76
CA GLU A 134 19.54 -33.16 19.97
C GLU A 134 18.47 -34.04 20.57
N SER A 135 17.23 -33.57 20.49
CA SER A 135 16.09 -34.27 21.04
C SER A 135 16.20 -35.80 20.91
N TRP A 136 16.64 -36.29 19.75
CA TRP A 136 16.73 -37.75 19.56
C TRP A 136 17.76 -38.44 20.43
N GLU A 137 18.88 -37.77 20.66
CA GLU A 137 19.99 -38.32 21.45
C GLU A 137 19.69 -38.73 22.88
N MET A 138 18.76 -38.04 23.50
CA MET A 138 18.45 -38.31 24.88
C MET A 138 17.13 -38.99 25.20
N ASN A 139 17.17 -39.95 26.12
CA ASN A 139 15.96 -40.65 26.54
C ASN A 139 15.16 -39.78 27.50
N SER A 140 14.05 -40.34 27.97
CA SER A 140 13.12 -39.66 28.87
C SER A 140 13.78 -38.89 30.02
N GLU A 141 14.45 -39.59 30.92
CA GLU A 141 15.08 -38.90 32.04
C GLU A 141 16.05 -37.82 31.62
N GLU A 142 16.90 -38.11 30.64
CA GLU A 142 17.86 -37.12 30.17
C GLU A 142 17.19 -35.82 29.79
N LYS A 143 16.11 -35.92 29.03
CA LYS A 143 15.40 -34.73 28.58
C LYS A 143 15.00 -33.90 29.79
N LEU A 144 14.59 -34.59 30.85
CA LEU A 144 14.19 -33.96 32.10
C LEU A 144 15.39 -33.30 32.80
N GLU A 145 16.53 -34.00 32.81
CA GLU A 145 17.72 -33.46 33.44
C GLU A 145 18.12 -32.21 32.68
N GLN A 146 18.36 -32.36 31.38
CA GLN A 146 18.75 -31.23 30.54
C GLN A 146 17.71 -30.12 30.61
N SER A 147 16.43 -30.50 30.65
CA SER A 147 15.39 -29.50 30.72
C SER A 147 15.67 -28.65 31.94
N THR A 148 16.21 -29.30 32.98
CA THR A 148 16.55 -28.62 34.22
C THR A 148 17.77 -27.73 34.01
N ILE A 149 18.87 -28.33 33.61
CA ILE A 149 20.11 -27.60 33.37
C ILE A 149 19.85 -26.32 32.61
N VAL A 150 19.03 -26.43 31.57
CA VAL A 150 18.71 -25.27 30.74
C VAL A 150 17.99 -24.22 31.56
N LYS A 151 16.92 -24.61 32.23
CA LYS A 151 16.15 -23.65 33.00
C LYS A 151 17.03 -22.88 33.97
N GLU A 152 17.92 -23.60 34.65
CA GLU A 152 18.82 -22.96 35.59
C GLU A 152 19.46 -21.78 34.91
N ARG A 153 19.97 -22.01 33.71
CA ARG A 153 20.60 -20.95 32.93
C ARG A 153 19.58 -19.88 32.62
N GLY A 154 18.45 -20.27 32.04
CA GLY A 154 17.43 -19.31 31.73
C GLY A 154 17.18 -18.42 32.93
N THR A 155 17.31 -19.00 34.12
CA THR A 155 17.09 -18.27 35.35
C THR A 155 18.18 -17.21 35.56
N VAL A 156 19.43 -17.64 35.46
CA VAL A 156 20.54 -16.70 35.61
C VAL A 156 20.40 -15.55 34.62
N TYR A 157 20.47 -15.88 33.33
CA TYR A 157 20.34 -14.88 32.28
C TYR A 157 19.23 -13.89 32.58
N PHE A 158 18.13 -14.36 33.16
CA PHE A 158 17.02 -13.47 33.44
C PHE A 158 17.28 -12.50 34.59
N LYS A 159 17.69 -13.04 35.73
CA LYS A 159 17.97 -12.21 36.89
C LYS A 159 19.14 -11.29 36.57
N GLU A 160 19.77 -11.54 35.45
CA GLU A 160 20.93 -10.79 35.01
C GLU A 160 20.55 -9.76 33.95
N GLY A 161 19.26 -9.69 33.66
CA GLY A 161 18.79 -8.73 32.67
C GLY A 161 18.92 -9.14 31.22
N LYS A 162 19.45 -10.33 30.94
CA LYS A 162 19.60 -10.76 29.56
C LYS A 162 18.38 -11.58 29.13
N TYR A 163 17.26 -10.88 28.99
CA TYR A 163 15.99 -11.45 28.61
C TYR A 163 15.96 -12.23 27.29
N LYS A 164 16.62 -11.71 26.27
CA LYS A 164 16.63 -12.40 24.98
C LYS A 164 17.32 -13.75 25.08
N GLN A 165 18.46 -13.78 25.74
CA GLN A 165 19.21 -15.02 25.91
C GLN A 165 18.45 -15.96 26.84
N ALA A 166 17.64 -15.39 27.73
CA ALA A 166 16.82 -16.20 28.64
C ALA A 166 15.78 -16.90 27.77
N LEU A 167 15.27 -16.18 26.77
CA LEU A 167 14.30 -16.74 25.84
C LEU A 167 14.90 -18.01 25.22
N LEU A 168 16.09 -17.86 24.64
CA LEU A 168 16.79 -18.99 24.03
C LEU A 168 16.73 -20.25 24.90
N GLN A 169 16.92 -20.07 26.21
CA GLN A 169 16.95 -21.18 27.15
C GLN A 169 15.60 -21.84 27.42
N TYR A 170 14.65 -21.06 27.94
CA TYR A 170 13.35 -21.61 28.25
C TYR A 170 12.71 -22.27 27.07
N LYS A 171 13.02 -21.81 25.87
CA LYS A 171 12.45 -22.42 24.68
C LYS A 171 12.98 -23.83 24.48
N LYS A 172 14.29 -24.02 24.56
CA LYS A 172 14.86 -25.35 24.38
C LYS A 172 14.03 -26.37 25.12
N ILE A 173 13.52 -25.96 26.28
CA ILE A 173 12.72 -26.86 27.11
C ILE A 173 11.42 -27.21 26.41
N VAL A 174 10.64 -26.21 26.02
CA VAL A 174 9.38 -26.50 25.36
C VAL A 174 9.63 -27.39 24.15
N SER A 175 10.79 -27.22 23.53
CA SER A 175 11.17 -28.00 22.37
C SER A 175 11.28 -29.46 22.76
N TRP A 176 12.43 -29.81 23.33
CA TRP A 176 12.72 -31.17 23.79
C TRP A 176 11.53 -31.98 24.31
N LEU A 177 10.73 -31.38 25.19
CA LEU A 177 9.59 -32.05 25.80
C LEU A 177 8.29 -32.09 24.97
N GLU A 178 8.24 -31.31 23.89
CA GLU A 178 7.06 -31.21 23.03
C GLU A 178 6.41 -32.50 22.52
N TYR A 179 7.15 -33.29 21.74
CA TYR A 179 6.57 -34.52 21.22
C TYR A 179 6.72 -35.65 22.22
N GLU A 180 7.89 -36.28 22.23
CA GLU A 180 8.19 -37.37 23.16
C GLU A 180 7.16 -37.50 24.30
N SER A 181 6.47 -38.63 24.35
CA SER A 181 5.49 -38.86 25.39
C SER A 181 5.65 -40.24 26.01
N SER A 182 6.80 -40.87 25.79
CA SER A 182 7.10 -42.19 26.35
C SER A 182 7.50 -41.99 27.81
N PHE A 183 6.76 -41.11 28.46
CA PHE A 183 6.96 -40.76 29.85
C PHE A 183 6.09 -41.57 30.80
N SER A 184 6.74 -42.17 31.80
CA SER A 184 6.02 -42.93 32.80
C SER A 184 5.14 -41.89 33.49
N ASN A 185 4.01 -42.31 34.03
CA ASN A 185 3.11 -41.39 34.72
C ASN A 185 3.87 -40.49 35.69
N GLU A 186 5.03 -40.97 36.16
CA GLU A 186 5.83 -40.18 37.09
C GLU A 186 6.55 -39.06 36.35
N GLU A 187 7.18 -39.40 35.23
CA GLU A 187 7.91 -38.44 34.40
C GLU A 187 6.91 -37.60 33.63
N ALA A 188 5.75 -38.17 33.35
CA ALA A 188 4.71 -37.47 32.62
C ALA A 188 4.40 -36.14 33.28
N GLN A 189 4.23 -36.14 34.60
CA GLN A 189 3.92 -34.90 35.29
C GLN A 189 5.16 -34.16 35.72
N LYS A 190 6.28 -34.86 35.89
CA LYS A 190 7.49 -34.16 36.26
C LYS A 190 7.74 -33.25 35.08
N ALA A 191 7.68 -33.81 33.88
CA ALA A 191 7.90 -33.03 32.66
C ALA A 191 6.84 -31.96 32.45
N GLN A 192 5.60 -32.25 32.81
CA GLN A 192 4.54 -31.25 32.64
C GLN A 192 4.84 -30.03 33.47
N ALA A 193 5.43 -30.25 34.66
CA ALA A 193 5.77 -29.14 35.55
C ALA A 193 6.80 -28.26 34.88
N LEU A 194 7.77 -28.93 34.28
CA LEU A 194 8.86 -28.29 33.56
C LEU A 194 8.27 -27.42 32.44
N ARG A 195 7.38 -28.01 31.65
CA ARG A 195 6.72 -27.29 30.55
C ARG A 195 6.07 -26.05 31.10
N LEU A 196 5.12 -26.25 32.01
CA LEU A 196 4.41 -25.12 32.62
C LEU A 196 5.41 -24.05 33.05
N ALA A 197 6.43 -24.46 33.80
CA ALA A 197 7.45 -23.55 34.26
C ALA A 197 7.98 -22.77 33.10
N SER A 198 8.36 -23.49 32.04
CA SER A 198 8.89 -22.85 30.84
C SER A 198 7.95 -21.78 30.32
N HIS A 199 6.74 -22.15 29.94
CA HIS A 199 5.81 -21.18 29.43
C HIS A 199 5.63 -19.97 30.34
N LEU A 200 5.50 -20.18 31.65
CA LEU A 200 5.35 -19.05 32.58
C LEU A 200 6.57 -18.13 32.44
N ASN A 201 7.76 -18.72 32.52
CA ASN A 201 8.98 -17.92 32.40
C ASN A 201 9.06 -17.18 31.08
N LEU A 202 8.67 -17.81 29.99
CA LEU A 202 8.70 -17.13 28.70
C LEU A 202 7.87 -15.85 28.80
N ALA A 203 6.62 -16.00 29.22
CA ALA A 203 5.74 -14.85 29.34
C ALA A 203 6.42 -13.73 30.12
N MET A 204 7.18 -14.13 31.14
CA MET A 204 7.87 -13.18 31.99
C MET A 204 8.90 -12.39 31.20
N CYS A 205 9.72 -13.09 30.42
CA CYS A 205 10.72 -12.45 29.59
C CYS A 205 10.01 -11.47 28.64
N HIS A 206 9.14 -12.00 27.78
CA HIS A 206 8.41 -11.15 26.84
C HIS A 206 7.90 -9.83 27.41
N LEU A 207 7.28 -9.88 28.58
CA LEU A 207 6.77 -8.65 29.21
C LEU A 207 7.91 -7.68 29.46
N LYS A 208 9.05 -8.23 29.83
CA LYS A 208 10.21 -7.39 30.05
C LYS A 208 10.50 -6.78 28.68
N LEU A 209 10.59 -7.65 27.66
CA LEU A 209 10.89 -7.26 26.28
C LEU A 209 9.82 -6.46 25.54
N GLN A 210 8.78 -6.03 26.24
CA GLN A 210 7.75 -5.23 25.59
C GLN A 210 7.09 -5.98 24.45
N ALA A 211 7.22 -7.31 24.44
CA ALA A 211 6.61 -8.15 23.40
C ALA A 211 5.29 -8.71 23.93
N PHE A 212 4.27 -7.85 24.09
CA PHE A 212 2.99 -8.27 24.66
C PHE A 212 2.14 -9.32 23.96
N SER A 213 2.31 -9.46 22.65
CA SER A 213 1.53 -10.46 21.92
C SER A 213 2.08 -11.81 22.33
N ALA A 214 3.41 -11.91 22.32
CA ALA A 214 4.09 -13.14 22.69
C ALA A 214 3.86 -13.45 24.15
N ALA A 215 3.83 -12.42 25.00
CA ALA A 215 3.59 -12.63 26.41
C ALA A 215 2.29 -13.39 26.56
N ILE A 216 1.24 -12.88 25.93
CA ILE A 216 -0.09 -13.50 25.97
C ILE A 216 -0.14 -14.92 25.38
N GLU A 217 0.66 -15.18 24.35
CA GLU A 217 0.63 -16.51 23.76
C GLU A 217 1.27 -17.52 24.68
N SER A 218 2.20 -17.05 25.50
CA SER A 218 2.89 -17.92 26.43
C SER A 218 2.04 -18.16 27.66
N CYS A 219 1.20 -17.20 28.02
CA CYS A 219 0.36 -17.38 29.18
C CYS A 219 -0.66 -18.45 28.83
N ASN A 220 -1.16 -18.38 27.60
CA ASN A 220 -2.15 -19.32 27.14
C ASN A 220 -1.59 -20.72 27.10
N LYS A 221 -0.39 -20.89 26.55
CA LYS A 221 0.21 -22.22 26.50
C LYS A 221 0.29 -22.75 27.93
N ALA A 222 0.57 -21.85 28.87
CA ALA A 222 0.68 -22.24 30.28
C ALA A 222 -0.69 -22.56 30.88
N LEU A 223 -1.65 -21.66 30.75
CA LEU A 223 -2.99 -21.90 31.28
C LEU A 223 -3.65 -23.13 30.66
N GLU A 224 -3.08 -23.66 29.58
CA GLU A 224 -3.62 -24.86 28.97
C GLU A 224 -3.12 -25.98 29.85
N LEU A 225 -2.29 -25.61 30.81
CA LEU A 225 -1.73 -26.59 31.72
C LEU A 225 -2.14 -26.35 33.17
N ASP A 226 -2.63 -25.16 33.50
CA ASP A 226 -3.05 -24.86 34.86
C ASP A 226 -4.38 -24.14 34.93
N SER A 227 -4.78 -23.48 33.84
CA SER A 227 -6.05 -22.75 33.75
C SER A 227 -6.57 -22.13 35.06
N ASN A 228 -5.70 -22.12 36.07
CA ASN A 228 -5.99 -21.58 37.38
C ASN A 228 -4.76 -20.84 37.87
N ASN A 229 -3.62 -21.17 37.27
CA ASN A 229 -2.33 -20.59 37.59
C ASN A 229 -2.40 -19.09 37.93
N GLU A 230 -1.87 -18.73 39.09
CA GLU A 230 -1.88 -17.34 39.54
C GLU A 230 -1.01 -16.47 38.65
N LYS A 231 0.20 -16.93 38.35
CA LYS A 231 1.13 -16.17 37.52
C LYS A 231 0.68 -16.01 36.08
N GLY A 232 0.27 -17.11 35.45
CA GLY A 232 -0.17 -17.01 34.08
C GLY A 232 -1.37 -16.10 33.97
N LEU A 233 -2.38 -16.39 34.77
CA LEU A 233 -3.58 -15.58 34.73
C LEU A 233 -3.19 -14.13 34.98
N PHE A 234 -2.24 -13.92 35.89
CA PHE A 234 -1.81 -12.57 36.22
C PHE A 234 -1.06 -11.92 35.07
N ARG A 235 0.08 -12.50 34.70
CA ARG A 235 0.89 -11.96 33.62
C ARG A 235 0.12 -11.65 32.34
N ARG A 236 -0.93 -12.40 32.07
CA ARG A 236 -1.71 -12.16 30.87
C ARG A 236 -2.52 -10.88 31.04
N GLY A 237 -2.89 -10.57 32.28
CA GLY A 237 -3.65 -9.37 32.52
C GLY A 237 -2.75 -8.15 32.40
N GLU A 238 -1.47 -8.33 32.73
CA GLU A 238 -0.51 -7.23 32.62
C GLU A 238 -0.28 -6.91 31.14
N ALA A 239 -0.26 -7.95 30.31
CA ALA A 239 -0.05 -7.78 28.88
C ALA A 239 -1.23 -7.10 28.21
N HIS A 240 -2.45 -7.50 28.56
CA HIS A 240 -3.60 -6.86 27.96
C HIS A 240 -3.60 -5.42 28.37
N LEU A 241 -3.33 -5.18 29.64
CA LEU A 241 -3.33 -3.82 30.15
C LEU A 241 -2.27 -2.94 29.50
N ALA A 242 -1.15 -3.53 29.15
CA ALA A 242 -0.06 -2.77 28.54
C ALA A 242 -0.45 -2.20 27.18
N VAL A 243 -1.26 -2.92 26.44
CA VAL A 243 -1.66 -2.48 25.12
C VAL A 243 -3.09 -1.94 25.13
N ASN A 244 -3.52 -1.42 26.27
CA ASN A 244 -4.86 -0.86 26.40
C ASN A 244 -6.01 -1.84 26.18
N ASP A 245 -5.78 -3.11 26.49
CA ASP A 245 -6.84 -4.10 26.37
C ASP A 245 -7.45 -4.17 27.76
N PHE A 246 -8.03 -3.05 28.17
CA PHE A 246 -8.65 -2.89 29.46
C PHE A 246 -9.66 -3.99 29.76
N GLU A 247 -10.68 -4.13 28.92
CA GLU A 247 -11.68 -5.15 29.16
C GLU A 247 -11.03 -6.51 29.41
N LEU A 248 -10.26 -7.02 28.45
CA LEU A 248 -9.60 -8.31 28.61
C LEU A 248 -8.80 -8.35 29.89
N ALA A 249 -8.13 -7.24 30.20
CA ALA A 249 -7.34 -7.15 31.43
C ALA A 249 -8.28 -7.32 32.61
N ARG A 250 -9.28 -6.46 32.67
CA ARG A 250 -10.27 -6.50 33.75
C ARG A 250 -10.65 -7.95 34.00
N ALA A 251 -10.92 -8.68 32.94
CA ALA A 251 -11.30 -10.07 33.06
C ALA A 251 -10.25 -10.90 33.79
N ASP A 252 -8.98 -10.77 33.40
CA ASP A 252 -7.90 -11.54 34.03
C ASP A 252 -7.61 -11.15 35.46
N PHE A 253 -7.69 -9.87 35.77
CA PHE A 253 -7.43 -9.45 37.13
C PHE A 253 -8.62 -9.83 37.99
N GLN A 254 -9.82 -9.60 37.46
CA GLN A 254 -11.04 -9.94 38.16
C GLN A 254 -11.04 -11.43 38.49
N LYS A 255 -10.42 -12.23 37.65
CA LYS A 255 -10.41 -13.66 37.91
C LYS A 255 -9.32 -14.05 38.89
N VAL A 256 -8.16 -13.42 38.79
CA VAL A 256 -7.08 -13.73 39.72
C VAL A 256 -7.53 -13.44 41.15
N LEU A 257 -8.31 -12.38 41.34
CA LEU A 257 -8.81 -12.02 42.67
C LEU A 257 -9.72 -13.12 43.19
N GLN A 258 -10.64 -13.55 42.34
CA GLN A 258 -11.58 -14.60 42.72
C GLN A 258 -10.86 -15.86 43.21
N LEU A 259 -9.77 -16.23 42.56
CA LEU A 259 -9.04 -17.42 42.97
C LEU A 259 -8.03 -17.13 44.06
N TYR A 260 -7.56 -15.89 44.12
CA TYR A 260 -6.58 -15.51 45.14
C TYR A 260 -6.89 -14.12 45.66
N PRO A 261 -7.85 -14.03 46.58
CA PRO A 261 -8.24 -12.74 47.15
C PRO A 261 -7.07 -11.90 47.64
N ASN A 262 -6.17 -12.53 48.37
CA ASN A 262 -5.02 -11.82 48.91
C ASN A 262 -3.92 -11.62 47.89
N ASN A 263 -4.29 -11.19 46.69
CA ASN A 263 -3.29 -10.94 45.66
C ASN A 263 -3.09 -9.44 45.46
N LYS A 264 -1.93 -8.98 45.90
CA LYS A 264 -1.51 -7.59 45.85
C LYS A 264 -1.88 -6.79 44.59
N ALA A 265 -1.05 -6.94 43.56
CA ALA A 265 -1.23 -6.20 42.31
C ALA A 265 -2.55 -6.42 41.61
N ALA A 266 -3.14 -7.60 41.79
CA ALA A 266 -4.41 -7.91 41.13
C ALA A 266 -5.45 -6.82 41.43
N LYS A 267 -5.56 -6.46 42.70
CA LYS A 267 -6.52 -5.46 43.14
C LYS A 267 -6.22 -4.10 42.54
N THR A 268 -4.99 -3.63 42.70
CA THR A 268 -4.63 -2.31 42.18
C THR A 268 -4.85 -2.25 40.68
N GLN A 269 -4.29 -3.21 39.95
CA GLN A 269 -4.44 -3.28 38.50
C GLN A 269 -5.91 -3.32 38.11
N LEU A 270 -6.68 -4.13 38.82
CA LEU A 270 -8.10 -4.20 38.54
C LEU A 270 -8.64 -2.78 38.64
N ALA A 271 -8.09 -2.01 39.56
CA ALA A 271 -8.54 -0.64 39.74
C ALA A 271 -8.19 0.22 38.53
N VAL A 272 -6.96 0.09 38.04
CA VAL A 272 -6.51 0.86 36.88
C VAL A 272 -7.51 0.68 35.74
N CYS A 273 -7.85 -0.57 35.48
CA CYS A 273 -8.80 -0.91 34.44
C CYS A 273 -10.13 -0.17 34.61
N GLN A 274 -10.71 -0.28 35.81
CA GLN A 274 -11.96 0.40 36.10
C GLN A 274 -11.82 1.86 35.73
N GLN A 275 -10.77 2.49 36.25
CA GLN A 275 -10.49 3.88 35.97
C GLN A 275 -10.48 4.12 34.45
N ARG A 276 -9.50 3.54 33.77
CA ARG A 276 -9.37 3.72 32.34
C ARG A 276 -10.65 3.38 31.58
N ILE A 277 -11.40 2.38 32.05
CA ILE A 277 -12.65 1.99 31.38
C ILE A 277 -13.79 2.99 31.52
N ARG A 278 -14.04 3.49 32.73
CA ARG A 278 -15.15 4.43 32.87
C ARG A 278 -14.83 5.73 32.17
N ARG A 279 -13.56 6.15 32.22
CA ARG A 279 -13.19 7.38 31.55
C ARG A 279 -13.36 7.16 30.06
N GLN A 280 -13.07 5.94 29.62
CA GLN A 280 -13.21 5.60 28.22
C GLN A 280 -14.69 5.74 27.89
N LEU A 281 -15.53 5.12 28.72
CA LEU A 281 -16.97 5.13 28.53
C LEU A 281 -17.50 6.55 28.42
N ALA A 282 -17.13 7.36 29.39
CA ALA A 282 -17.57 8.75 29.42
C ALA A 282 -17.25 9.43 28.10
N ARG A 283 -16.03 9.21 27.60
CA ARG A 283 -15.58 9.82 26.36
C ARG A 283 -16.46 9.41 25.18
N GLU A 284 -16.56 8.11 24.93
CA GLU A 284 -17.33 7.64 23.81
C GLU A 284 -18.81 7.93 23.97
N LYS A 285 -19.25 8.25 25.18
CA LYS A 285 -20.66 8.54 25.36
C LYS A 285 -20.99 9.90 24.75
N LYS A 286 -20.26 10.91 25.20
CA LYS A 286 -20.44 12.28 24.73
C LYS A 286 -20.27 12.40 23.24
N LEU A 287 -19.55 11.46 22.63
CA LEU A 287 -19.34 11.50 21.20
C LEU A 287 -20.64 11.26 20.46
N TYR A 288 -21.26 10.12 20.74
CA TYR A 288 -22.53 9.77 20.11
C TYR A 288 -23.54 10.87 20.41
N ALA A 289 -23.46 11.41 21.63
CA ALA A 289 -24.34 12.48 22.04
C ALA A 289 -24.24 13.62 21.04
N ASN A 290 -23.03 14.11 20.81
CA ASN A 290 -22.82 15.19 19.86
C ASN A 290 -23.09 14.74 18.44
N MET A 291 -22.65 13.53 18.09
CA MET A 291 -22.87 13.03 16.75
C MET A 291 -24.36 13.05 16.47
N PHE A 292 -25.13 12.74 17.51
CA PHE A 292 -26.57 12.70 17.43
C PHE A 292 -27.11 14.09 17.15
N GLU A 293 -26.75 15.05 18.01
CA GLU A 293 -27.17 16.42 17.80
C GLU A 293 -26.91 16.79 16.35
N ARG A 294 -25.65 16.74 15.93
CA ARG A 294 -25.28 17.09 14.58
C ARG A 294 -26.16 16.48 13.50
N LEU A 295 -26.62 15.26 13.71
CA LEU A 295 -27.49 14.63 12.72
C LEU A 295 -28.83 15.34 12.71
N ALA A 296 -29.35 15.59 13.91
CA ALA A 296 -30.62 16.26 14.05
C ALA A 296 -30.60 17.55 13.22
N GLU A 297 -29.78 18.52 13.63
CA GLU A 297 -29.70 19.79 12.91
C GLU A 297 -29.56 19.59 11.40
N GLU A 298 -28.77 18.60 11.02
CA GLU A 298 -28.55 18.31 9.60
C GLU A 298 -29.82 17.73 8.98
N GLU A 299 -30.62 17.06 9.81
CA GLU A 299 -31.87 16.47 9.37
C GLU A 299 -32.93 17.55 9.22
N ASN A 300 -32.89 18.54 10.11
CA ASN A 300 -33.84 19.63 10.07
C ASN A 300 -33.82 20.37 8.73
N LYS A 301 -32.69 20.29 8.03
CA LYS A 301 -32.58 20.95 6.73
C LYS A 301 -33.51 20.30 5.70
N ALA A 302 -34.66 20.93 5.50
CA ALA A 302 -35.68 20.47 4.55
C ALA A 302 -36.16 21.66 3.71
N GLY B 18 11.60 -9.92 -31.02
CA GLY B 18 12.20 -9.87 -32.38
C GLY B 18 11.35 -10.58 -33.43
N SER B 19 10.42 -11.41 -32.95
CA SER B 19 9.48 -12.21 -33.74
C SER B 19 9.48 -13.65 -33.20
N HIS B 20 9.94 -13.78 -31.95
CA HIS B 20 10.00 -15.08 -31.27
C HIS B 20 8.66 -15.38 -30.62
N MET B 21 8.63 -16.44 -29.82
CA MET B 21 7.40 -16.81 -29.15
C MET B 21 7.58 -17.32 -27.73
N GLU B 22 7.17 -16.46 -26.80
CA GLU B 22 7.23 -16.69 -25.36
C GLU B 22 6.08 -17.60 -24.95
N GLU B 23 5.08 -17.68 -25.82
CA GLU B 23 3.90 -18.51 -25.59
C GLU B 23 4.28 -19.98 -25.52
N ASP B 24 5.47 -20.27 -25.98
CA ASP B 24 6.00 -21.63 -25.97
C ASP B 24 4.97 -22.66 -26.42
N GLY B 25 4.96 -22.91 -27.73
CA GLY B 25 4.04 -23.88 -28.30
C GLY B 25 2.57 -23.79 -27.92
N GLY B 26 2.14 -22.68 -27.33
CA GLY B 26 0.74 -22.55 -26.97
C GLY B 26 -0.15 -22.51 -28.21
N ILE B 27 0.37 -21.86 -29.26
CA ILE B 27 -0.32 -21.73 -30.53
C ILE B 27 0.61 -22.17 -31.65
N ILE B 28 0.33 -23.32 -32.25
CA ILE B 28 1.16 -23.80 -33.34
C ILE B 28 0.25 -24.01 -34.55
N ARG B 29 0.73 -23.63 -35.74
CA ARG B 29 -0.09 -23.80 -36.94
C ARG B 29 0.61 -24.47 -38.13
N ARG B 30 -0.03 -25.51 -38.67
CA ARG B 30 0.48 -26.23 -39.84
C ARG B 30 -0.09 -25.54 -41.08
N ILE B 31 0.79 -25.18 -42.01
CA ILE B 31 0.36 -24.45 -43.20
C ILE B 31 0.08 -25.25 -44.47
N GLN B 32 -1.11 -25.82 -44.58
CA GLN B 32 -1.45 -26.56 -45.80
C GLN B 32 -2.16 -25.54 -46.67
N THR B 33 -1.76 -25.47 -47.94
CA THR B 33 -2.34 -24.53 -48.89
C THR B 33 -1.68 -23.14 -48.83
N ARG B 34 -0.52 -23.06 -48.19
CA ARG B 34 0.26 -21.82 -48.03
C ARG B 34 -0.08 -20.77 -49.08
N GLY B 35 -1.15 -20.02 -48.83
CA GLY B 35 -1.61 -19.00 -49.77
C GLY B 35 -0.72 -17.83 -50.15
N GLU B 36 -1.27 -16.99 -51.01
CA GLU B 36 -0.62 -15.78 -51.54
C GLU B 36 0.20 -15.06 -50.47
N GLY B 37 1.49 -15.41 -50.40
CA GLY B 37 2.38 -14.80 -49.42
C GLY B 37 2.34 -13.28 -49.33
N TYR B 38 3.16 -12.75 -48.45
CA TYR B 38 3.27 -11.30 -48.23
C TYR B 38 1.94 -10.71 -47.77
N ALA B 39 1.83 -10.48 -46.47
CA ALA B 39 0.61 -9.91 -45.89
C ALA B 39 0.73 -9.77 -44.37
N LYS B 40 -0.24 -10.36 -43.67
CA LYS B 40 -0.32 -10.37 -42.21
C LYS B 40 -1.03 -9.14 -41.61
N PRO B 41 -2.17 -9.38 -40.93
CA PRO B 41 -3.01 -8.38 -40.27
C PRO B 41 -2.64 -8.00 -38.85
N ASN B 42 -2.50 -6.69 -38.61
CA ASN B 42 -2.19 -6.18 -37.29
C ASN B 42 -3.45 -6.36 -36.45
N GLU B 43 -3.50 -5.79 -35.26
CA GLU B 43 -4.69 -5.97 -34.45
C GLU B 43 -5.95 -5.39 -35.08
N GLY B 44 -6.35 -4.18 -34.66
CA GLY B 44 -7.56 -3.53 -35.16
C GLY B 44 -8.11 -3.83 -36.56
N ALA B 45 -7.36 -4.58 -37.36
CA ALA B 45 -7.73 -4.94 -38.72
C ALA B 45 -8.99 -5.79 -38.85
N ILE B 46 -9.76 -5.52 -39.91
CA ILE B 46 -10.96 -6.31 -40.20
C ILE B 46 -10.40 -7.49 -40.97
N VAL B 47 -11.07 -8.63 -40.90
CA VAL B 47 -10.53 -9.81 -41.57
C VAL B 47 -11.67 -10.79 -41.88
N GLU B 48 -11.53 -11.53 -42.98
CA GLU B 48 -12.56 -12.51 -43.34
C GLU B 48 -11.94 -13.88 -43.07
N VAL B 49 -12.66 -14.72 -42.36
CA VAL B 49 -12.11 -16.02 -42.01
C VAL B 49 -13.03 -17.21 -42.26
N ALA B 50 -12.42 -18.38 -42.46
CA ALA B 50 -13.16 -19.61 -42.67
C ALA B 50 -12.87 -20.48 -41.44
N LEU B 51 -13.85 -20.62 -40.56
CA LEU B 51 -13.66 -21.41 -39.35
C LEU B 51 -13.84 -22.90 -39.53
N GLU B 52 -13.54 -23.63 -38.46
CA GLU B 52 -13.65 -25.09 -38.39
C GLU B 52 -12.90 -25.53 -37.14
N GLY B 53 -13.59 -25.48 -36.00
CA GLY B 53 -12.97 -25.86 -34.75
C GLY B 53 -13.50 -27.16 -34.18
N TYR B 54 -12.59 -28.09 -33.91
CA TYR B 54 -12.96 -29.40 -33.38
C TYR B 54 -12.45 -29.58 -31.96
N TYR B 55 -13.27 -30.18 -31.10
CA TYR B 55 -12.88 -30.43 -29.71
C TYR B 55 -11.84 -31.53 -29.69
N LYS B 56 -12.17 -32.69 -29.14
CA LYS B 56 -11.22 -33.78 -29.15
C LYS B 56 -11.12 -34.14 -30.63
N ASP B 57 -12.13 -33.66 -31.36
CA ASP B 57 -12.26 -33.80 -32.80
C ASP B 57 -13.72 -33.87 -33.21
N LYS B 58 -14.51 -32.94 -32.70
CA LYS B 58 -15.92 -32.87 -33.05
C LYS B 58 -16.18 -31.46 -33.60
N LEU B 59 -16.44 -31.36 -34.89
CA LEU B 59 -16.70 -30.08 -35.53
C LEU B 59 -17.84 -29.35 -34.82
N PHE B 60 -17.48 -28.41 -33.95
CA PHE B 60 -18.48 -27.66 -33.19
C PHE B 60 -18.69 -26.22 -33.67
N ASP B 61 -17.77 -25.71 -34.46
CA ASP B 61 -17.88 -24.33 -34.94
C ASP B 61 -17.39 -24.15 -36.37
N GLN B 62 -18.31 -23.83 -37.27
CA GLN B 62 -17.94 -23.61 -38.66
C GLN B 62 -18.71 -22.42 -39.20
N ARG B 63 -17.98 -21.43 -39.72
CA ARG B 63 -18.59 -20.23 -40.29
C ARG B 63 -17.58 -19.36 -41.03
N GLU B 64 -18.09 -18.37 -41.75
CA GLU B 64 -17.24 -17.45 -42.52
C GLU B 64 -17.39 -16.05 -41.94
N LEU B 65 -16.76 -15.83 -40.79
CA LEU B 65 -16.83 -14.54 -40.12
C LEU B 65 -16.00 -13.44 -40.76
N ARG B 66 -16.51 -12.22 -40.59
CA ARG B 66 -15.84 -11.03 -41.07
C ARG B 66 -15.86 -10.17 -39.80
N PHE B 67 -14.84 -10.35 -38.96
CA PHE B 67 -14.73 -9.63 -37.70
C PHE B 67 -13.46 -8.80 -37.62
N GLU B 68 -13.39 -7.94 -36.62
CA GLU B 68 -12.23 -7.09 -36.40
C GLU B 68 -11.35 -7.69 -35.32
N ILE B 69 -10.09 -7.91 -35.64
CA ILE B 69 -9.14 -8.49 -34.70
C ILE B 69 -9.16 -7.73 -33.39
N GLY B 70 -9.65 -8.39 -32.35
CA GLY B 70 -9.74 -7.76 -31.04
C GLY B 70 -11.13 -7.96 -30.47
N GLU B 71 -12.06 -8.47 -31.28
CA GLU B 71 -13.41 -8.68 -30.79
C GLU B 71 -13.85 -10.13 -30.90
N GLY B 72 -12.91 -11.02 -31.18
CA GLY B 72 -13.21 -12.43 -31.29
C GLY B 72 -13.95 -12.90 -30.04
N GLU B 73 -13.58 -12.34 -28.90
CA GLU B 73 -14.21 -12.71 -27.63
C GLU B 73 -15.72 -12.60 -27.68
N ASN B 74 -16.22 -11.59 -28.37
CA ASN B 74 -17.65 -11.36 -28.46
C ASN B 74 -18.30 -12.25 -29.51
N LEU B 75 -17.46 -13.07 -30.14
CA LEU B 75 -17.90 -13.96 -31.20
C LEU B 75 -17.50 -15.42 -30.95
N ASP B 76 -17.39 -15.79 -29.68
CA ASP B 76 -17.05 -17.15 -29.30
C ASP B 76 -15.77 -17.70 -29.95
N LEU B 77 -14.76 -16.84 -30.10
CA LEU B 77 -13.48 -17.26 -30.67
C LEU B 77 -12.44 -17.17 -29.59
N PRO B 78 -11.58 -18.20 -29.46
CA PRO B 78 -10.51 -18.29 -28.48
C PRO B 78 -9.47 -17.18 -28.62
N TYR B 79 -8.85 -16.82 -27.51
CA TYR B 79 -7.81 -15.80 -27.49
C TYR B 79 -6.73 -16.18 -28.54
N GLY B 80 -6.22 -17.40 -28.42
CA GLY B 80 -5.19 -17.88 -29.31
C GLY B 80 -5.59 -17.91 -30.78
N LEU B 81 -6.88 -18.02 -31.04
CA LEU B 81 -7.33 -18.07 -32.42
C LEU B 81 -7.08 -16.73 -33.12
N GLU B 82 -7.42 -15.63 -32.47
CA GLU B 82 -7.17 -14.34 -33.08
C GLU B 82 -5.67 -14.13 -33.21
N ARG B 83 -4.95 -14.26 -32.10
CA ARG B 83 -3.49 -14.12 -32.14
C ARG B 83 -2.91 -14.84 -33.35
N ALA B 84 -3.34 -16.09 -33.54
CA ALA B 84 -2.88 -16.92 -34.64
C ALA B 84 -3.10 -16.33 -36.02
N ILE B 85 -4.23 -15.65 -36.21
CA ILE B 85 -4.54 -15.03 -37.51
C ILE B 85 -3.57 -13.89 -37.82
N GLN B 86 -3.23 -13.12 -36.79
CA GLN B 86 -2.31 -12.01 -36.93
C GLN B 86 -0.96 -12.48 -37.44
N ARG B 87 -0.83 -13.78 -37.65
CA ARG B 87 0.41 -14.36 -38.14
C ARG B 87 0.20 -14.97 -39.51
N MET B 88 -1.00 -14.80 -40.07
CA MET B 88 -1.30 -15.40 -41.38
C MET B 88 -1.19 -14.50 -42.61
N GLU B 89 -1.25 -15.13 -43.78
CA GLU B 89 -1.15 -14.45 -45.06
C GLU B 89 -2.48 -14.46 -45.81
N LYS B 90 -2.63 -13.52 -46.74
CA LYS B 90 -3.86 -13.43 -47.52
C LYS B 90 -4.11 -14.74 -48.26
N GLY B 91 -5.38 -15.13 -48.35
CA GLY B 91 -5.73 -16.36 -49.06
C GLY B 91 -5.15 -17.65 -48.51
N GLU B 92 -4.25 -17.56 -47.53
CA GLU B 92 -3.61 -18.76 -46.97
C GLU B 92 -4.49 -19.56 -46.02
N HIS B 93 -4.42 -20.89 -46.16
CA HIS B 93 -5.17 -21.78 -45.28
C HIS B 93 -4.13 -22.30 -44.31
N SER B 94 -4.60 -22.87 -43.21
CA SER B 94 -3.72 -23.41 -42.18
C SER B 94 -4.56 -24.13 -41.15
N ILE B 95 -3.90 -24.67 -40.15
CA ILE B 95 -4.58 -25.35 -39.07
C ILE B 95 -3.85 -24.99 -37.77
N VAL B 96 -4.62 -24.48 -36.82
CA VAL B 96 -4.09 -24.04 -35.54
C VAL B 96 -4.46 -24.97 -34.40
N TYR B 97 -3.46 -25.28 -33.57
CA TYR B 97 -3.65 -26.13 -32.40
C TYR B 97 -3.52 -25.26 -31.17
N LEU B 98 -4.58 -25.20 -30.37
CA LEU B 98 -4.59 -24.37 -29.17
C LEU B 98 -4.57 -25.13 -27.85
N LYS B 99 -3.53 -24.89 -27.07
CA LYS B 99 -3.41 -25.52 -25.77
C LYS B 99 -4.51 -24.92 -24.91
N PRO B 100 -5.08 -25.70 -23.98
CA PRO B 100 -6.15 -25.22 -23.11
C PRO B 100 -6.05 -23.76 -22.64
N SER B 101 -4.86 -23.32 -22.22
CA SER B 101 -4.71 -21.95 -21.75
C SER B 101 -4.94 -20.88 -22.81
N TYR B 102 -4.99 -21.29 -24.07
CA TYR B 102 -5.20 -20.36 -25.17
C TYR B 102 -6.52 -20.61 -25.90
N ALA B 103 -7.21 -21.68 -25.54
CA ALA B 103 -8.51 -21.99 -26.12
C ALA B 103 -9.49 -21.27 -25.21
N PHE B 104 -10.45 -22.00 -24.64
CA PHE B 104 -11.40 -21.38 -23.74
C PHE B 104 -11.02 -21.58 -22.28
N GLY B 105 -9.72 -21.78 -22.07
CA GLY B 105 -9.14 -21.97 -20.75
C GLY B 105 -9.92 -22.70 -19.67
N SER B 106 -9.83 -22.17 -18.45
CA SER B 106 -10.48 -22.71 -17.28
C SER B 106 -11.93 -22.24 -17.12
N VAL B 107 -12.73 -22.45 -18.17
CA VAL B 107 -14.12 -22.03 -18.16
C VAL B 107 -14.82 -22.85 -19.22
N GLY B 108 -14.05 -23.25 -20.23
CA GLY B 108 -14.62 -24.00 -21.32
C GLY B 108 -15.59 -23.12 -22.07
N LYS B 109 -16.44 -23.73 -22.88
CA LYS B 109 -17.41 -22.95 -23.64
C LYS B 109 -18.72 -23.70 -23.74
N GLU B 110 -19.44 -23.75 -22.62
CA GLU B 110 -20.74 -24.42 -22.53
C GLU B 110 -21.49 -24.41 -23.86
N LYS B 111 -21.53 -23.24 -24.49
CA LYS B 111 -22.23 -23.09 -25.77
C LYS B 111 -21.79 -24.18 -26.76
N PHE B 112 -20.61 -24.74 -26.51
CA PHE B 112 -20.04 -25.81 -27.32
C PHE B 112 -19.74 -27.01 -26.40
N GLN B 113 -20.12 -26.88 -25.14
CA GLN B 113 -19.90 -27.91 -24.12
C GLN B 113 -18.47 -28.37 -24.01
N ILE B 114 -17.58 -27.41 -23.80
CA ILE B 114 -16.17 -27.68 -23.63
C ILE B 114 -15.88 -27.49 -22.16
N PRO B 115 -15.04 -28.35 -21.57
CA PRO B 115 -14.68 -28.27 -20.15
C PRO B 115 -13.51 -27.35 -19.89
N PRO B 116 -13.29 -26.97 -18.62
CA PRO B 116 -12.17 -26.09 -18.30
C PRO B 116 -10.90 -26.84 -18.65
N ASN B 117 -9.88 -26.15 -19.14
CA ASN B 117 -8.65 -26.83 -19.50
C ASN B 117 -8.99 -27.81 -20.65
N ALA B 118 -8.91 -27.32 -21.89
CA ALA B 118 -9.22 -28.13 -23.07
C ALA B 118 -8.53 -27.66 -24.35
N GLU B 119 -7.74 -28.55 -24.96
CA GLU B 119 -7.02 -28.25 -26.20
C GLU B 119 -8.00 -28.14 -27.35
N LEU B 120 -7.59 -27.52 -28.45
CA LEU B 120 -8.47 -27.36 -29.60
C LEU B 120 -7.80 -27.43 -30.97
N LYS B 121 -8.61 -27.77 -31.97
CA LYS B 121 -8.15 -27.85 -33.35
C LYS B 121 -8.95 -26.87 -34.18
N TYR B 122 -8.25 -26.07 -34.99
CA TYR B 122 -8.91 -25.10 -35.84
C TYR B 122 -8.31 -25.11 -37.24
N GLU B 123 -9.17 -25.26 -38.25
CA GLU B 123 -8.72 -25.24 -39.63
C GLU B 123 -9.24 -23.94 -40.20
N LEU B 124 -8.36 -22.93 -40.31
CA LEU B 124 -8.74 -21.62 -40.81
C LEU B 124 -8.26 -21.22 -42.19
N HIS B 125 -9.11 -20.47 -42.89
CA HIS B 125 -8.78 -19.97 -44.22
C HIS B 125 -8.90 -18.45 -44.15
N LEU B 126 -7.76 -17.77 -44.18
CA LEU B 126 -7.74 -16.32 -44.14
C LEU B 126 -7.91 -15.74 -45.53
N LYS B 127 -9.15 -15.68 -46.01
CA LYS B 127 -9.45 -15.15 -47.36
C LYS B 127 -8.85 -13.78 -47.65
N SER B 128 -9.39 -12.76 -47.01
CA SER B 128 -8.94 -11.40 -47.21
C SER B 128 -8.88 -10.64 -45.90
N PHE B 129 -8.22 -9.49 -45.94
CA PHE B 129 -8.11 -8.66 -44.76
C PHE B 129 -7.43 -7.36 -45.15
N GLU B 130 -7.48 -6.39 -44.25
CA GLU B 130 -6.87 -5.10 -44.50
C GLU B 130 -6.44 -4.48 -43.19
N LYS B 131 -5.11 -4.39 -43.00
CA LYS B 131 -4.52 -3.83 -41.80
C LYS B 131 -5.21 -2.57 -41.29
N ALA B 132 -4.97 -2.25 -40.04
CA ALA B 132 -5.55 -1.06 -39.45
C ALA B 132 -4.41 -0.10 -39.11
N LYS B 133 -4.54 1.15 -39.52
CA LYS B 133 -3.53 2.15 -39.26
C LYS B 133 -3.07 2.12 -37.81
N GLU B 134 -1.82 2.51 -37.58
CA GLU B 134 -1.25 2.56 -36.24
C GLU B 134 -0.79 3.99 -36.05
N SER B 135 -1.05 4.57 -34.87
CA SER B 135 -0.68 5.96 -34.59
C SER B 135 0.34 6.59 -35.53
N TRP B 136 1.50 5.96 -35.68
CA TRP B 136 2.52 6.51 -36.56
C TRP B 136 2.11 6.50 -38.04
N GLU B 137 1.63 5.37 -38.55
CA GLU B 137 1.22 5.28 -39.94
C GLU B 137 0.43 6.48 -40.46
N MET B 138 -0.31 7.16 -39.58
CA MET B 138 -1.15 8.29 -40.01
C MET B 138 -0.61 9.67 -39.66
N ASN B 139 -1.06 10.67 -40.41
CA ASN B 139 -0.66 12.06 -40.21
C ASN B 139 -1.86 12.77 -39.56
N SER B 140 -1.64 14.01 -39.12
CA SER B 140 -2.72 14.77 -38.48
C SER B 140 -4.07 14.58 -39.15
N GLU B 141 -4.13 14.83 -40.46
CA GLU B 141 -5.37 14.68 -41.22
C GLU B 141 -6.00 13.30 -41.06
N GLU B 142 -5.25 12.26 -41.43
CA GLU B 142 -5.75 10.90 -41.36
C GLU B 142 -6.30 10.55 -39.97
N LYS B 143 -5.57 10.95 -38.93
CA LYS B 143 -5.99 10.67 -37.57
C LYS B 143 -7.39 11.18 -37.31
N LEU B 144 -7.65 12.45 -37.63
CA LEU B 144 -8.98 13.01 -37.43
C LEU B 144 -10.02 12.29 -38.29
N GLU B 145 -9.60 11.82 -39.47
CA GLU B 145 -10.50 11.11 -40.37
C GLU B 145 -10.77 9.74 -39.79
N GLN B 146 -9.68 9.02 -39.56
CA GLN B 146 -9.72 7.68 -39.00
C GLN B 146 -10.48 7.68 -37.68
N SER B 147 -10.30 8.71 -36.87
CA SER B 147 -11.00 8.80 -35.60
C SER B 147 -12.47 9.03 -35.85
N THR B 148 -12.81 9.92 -36.78
CA THR B 148 -14.21 10.20 -37.09
C THR B 148 -14.95 8.98 -37.66
N ILE B 149 -14.25 8.16 -38.43
CA ILE B 149 -14.85 6.95 -39.00
C ILE B 149 -15.24 5.98 -37.88
N VAL B 150 -14.29 5.66 -37.01
CA VAL B 150 -14.50 4.76 -35.87
C VAL B 150 -15.59 5.23 -34.91
N LYS B 151 -15.61 6.53 -34.63
CA LYS B 151 -16.62 7.08 -33.74
C LYS B 151 -17.96 6.58 -34.25
N GLU B 152 -18.09 6.55 -35.58
CA GLU B 152 -19.32 6.08 -36.19
C GLU B 152 -19.59 4.62 -35.88
N ARG B 153 -18.66 3.74 -36.24
CA ARG B 153 -18.82 2.31 -35.97
C ARG B 153 -19.28 2.13 -34.54
N GLY B 154 -18.57 2.78 -33.63
CA GLY B 154 -18.92 2.68 -32.23
C GLY B 154 -20.39 2.94 -32.01
N THR B 155 -20.88 4.07 -32.48
CA THR B 155 -22.28 4.38 -32.27
C THR B 155 -23.21 3.33 -32.87
N VAL B 156 -22.76 2.68 -33.94
CA VAL B 156 -23.56 1.66 -34.58
C VAL B 156 -23.66 0.48 -33.64
N TYR B 157 -22.51 -0.04 -33.22
CA TYR B 157 -22.47 -1.17 -32.28
C TYR B 157 -23.31 -0.84 -31.06
N PHE B 158 -23.33 0.43 -30.70
CA PHE B 158 -24.09 0.83 -29.53
C PHE B 158 -25.58 0.60 -29.68
N LYS B 159 -26.22 1.28 -30.62
CA LYS B 159 -27.65 1.10 -30.83
C LYS B 159 -27.90 -0.37 -31.20
N GLU B 160 -26.95 -0.97 -31.90
CA GLU B 160 -27.07 -2.36 -32.30
C GLU B 160 -27.04 -3.22 -31.02
N GLY B 161 -26.67 -2.59 -29.90
CA GLY B 161 -26.64 -3.28 -28.62
C GLY B 161 -25.36 -3.99 -28.18
N LYS B 162 -24.33 -3.99 -29.00
CA LYS B 162 -23.07 -4.68 -28.67
C LYS B 162 -22.13 -3.82 -27.87
N TYR B 163 -22.61 -3.41 -26.70
CA TYR B 163 -21.88 -2.56 -25.78
C TYR B 163 -20.38 -2.85 -25.70
N LYS B 164 -20.01 -4.11 -25.46
CA LYS B 164 -18.60 -4.43 -25.37
C LYS B 164 -17.85 -4.06 -26.65
N GLN B 165 -18.48 -4.29 -27.79
CA GLN B 165 -17.82 -4.00 -29.06
C GLN B 165 -17.71 -2.52 -29.36
N ALA B 166 -18.53 -1.70 -28.70
CA ALA B 166 -18.46 -0.25 -28.90
C ALA B 166 -17.27 0.34 -28.15
N LEU B 167 -17.07 -0.10 -26.90
CA LEU B 167 -15.95 0.38 -26.09
C LEU B 167 -14.67 0.31 -26.91
N LEU B 168 -14.52 -0.81 -27.61
CA LEU B 168 -13.35 -1.05 -28.43
C LEU B 168 -13.16 -0.01 -29.51
N GLN B 169 -14.23 0.36 -30.21
CA GLN B 169 -14.12 1.38 -31.23
C GLN B 169 -13.77 2.73 -30.60
N TYR B 170 -14.62 3.17 -29.70
CA TYR B 170 -14.39 4.44 -29.03
C TYR B 170 -13.00 4.62 -28.46
N LYS B 171 -12.42 3.55 -27.92
CA LYS B 171 -11.09 3.63 -27.33
C LYS B 171 -9.99 4.00 -28.32
N LYS B 172 -10.08 3.49 -29.55
CA LYS B 172 -9.06 3.79 -30.57
C LYS B 172 -8.93 5.31 -30.71
N ILE B 173 -10.07 5.99 -30.66
CA ILE B 173 -10.13 7.43 -30.80
C ILE B 173 -9.22 8.09 -29.79
N VAL B 174 -9.44 7.80 -28.51
CA VAL B 174 -8.64 8.37 -27.44
C VAL B 174 -7.17 8.04 -27.61
N SER B 175 -6.89 6.81 -28.00
CA SER B 175 -5.51 6.37 -28.18
C SER B 175 -4.83 7.07 -29.35
N TRP B 176 -5.58 7.34 -30.41
CA TRP B 176 -5.01 7.99 -31.59
C TRP B 176 -4.68 9.46 -31.37
N LEU B 177 -5.67 10.21 -30.90
CA LEU B 177 -5.51 11.62 -30.63
C LEU B 177 -4.82 11.86 -29.29
N GLU B 178 -3.89 10.97 -28.90
CA GLU B 178 -3.23 11.14 -27.61
C GLU B 178 -1.92 11.91 -27.67
N TYR B 179 -0.83 11.21 -27.95
CA TYR B 179 0.47 11.85 -28.04
C TYR B 179 0.60 12.68 -29.30
N GLU B 180 -0.24 12.41 -30.29
CA GLU B 180 -0.22 13.19 -31.52
C GLU B 180 -0.73 14.58 -31.17
N SER B 181 0.20 15.47 -30.86
CA SER B 181 -0.16 16.83 -30.50
C SER B 181 0.07 17.79 -31.64
N SER B 182 0.83 17.36 -32.65
CA SER B 182 1.11 18.23 -33.79
C SER B 182 -0.13 18.59 -34.61
N PHE B 183 -0.93 19.50 -34.06
CA PHE B 183 -2.15 19.98 -34.69
C PHE B 183 -2.07 21.49 -34.89
N SER B 184 -2.78 22.00 -35.89
CA SER B 184 -2.75 23.41 -36.22
C SER B 184 -3.77 24.28 -35.51
N ASN B 185 -4.11 23.95 -34.27
CA ASN B 185 -5.11 24.71 -33.53
C ASN B 185 -6.47 24.47 -34.15
N GLU B 186 -6.56 24.63 -35.47
CA GLU B 186 -7.82 24.39 -36.13
C GLU B 186 -8.03 22.89 -36.02
N GLU B 187 -6.94 22.15 -36.04
CA GLU B 187 -7.01 20.69 -35.91
C GLU B 187 -7.10 20.32 -34.45
N ALA B 188 -6.43 21.09 -33.60
CA ALA B 188 -6.45 20.82 -32.17
C ALA B 188 -7.88 20.99 -31.62
N GLN B 189 -8.63 21.95 -32.15
CA GLN B 189 -9.99 22.15 -31.67
C GLN B 189 -10.86 21.01 -32.18
N LYS B 190 -10.49 20.42 -33.32
CA LYS B 190 -11.23 19.30 -33.88
C LYS B 190 -10.89 18.04 -33.09
N ALA B 191 -9.60 17.81 -32.86
CA ALA B 191 -9.16 16.64 -32.11
C ALA B 191 -9.83 16.61 -30.75
N GLN B 192 -9.72 17.69 -29.99
CA GLN B 192 -10.35 17.77 -28.69
C GLN B 192 -11.84 17.49 -28.75
N ALA B 193 -12.53 18.05 -29.73
CA ALA B 193 -13.96 17.82 -29.84
C ALA B 193 -14.26 16.34 -30.02
N LEU B 194 -13.33 15.62 -30.66
CA LEU B 194 -13.49 14.18 -30.89
C LEU B 194 -13.19 13.44 -29.60
N ARG B 195 -12.15 13.87 -28.90
CA ARG B 195 -11.78 13.24 -27.64
C ARG B 195 -12.97 13.32 -26.66
N LEU B 196 -13.57 14.50 -26.56
CA LEU B 196 -14.70 14.69 -25.66
C LEU B 196 -15.82 13.73 -25.99
N ALA B 197 -16.23 13.72 -27.26
CA ALA B 197 -17.30 12.83 -27.66
C ALA B 197 -16.91 11.41 -27.31
N SER B 198 -15.68 11.03 -27.67
CA SER B 198 -15.19 9.70 -27.37
C SER B 198 -15.42 9.33 -25.90
N HIS B 199 -15.07 10.25 -24.98
CA HIS B 199 -15.26 10.00 -23.56
C HIS B 199 -16.73 9.89 -23.14
N LEU B 200 -17.58 10.86 -23.53
CA LEU B 200 -18.99 10.76 -23.18
C LEU B 200 -19.54 9.40 -23.62
N ASN B 201 -19.16 8.98 -24.82
CA ASN B 201 -19.64 7.70 -25.34
C ASN B 201 -19.18 6.53 -24.47
N LEU B 202 -17.88 6.51 -24.17
CA LEU B 202 -17.28 5.47 -23.34
C LEU B 202 -18.07 5.38 -22.04
N ALA B 203 -18.26 6.52 -21.41
CA ALA B 203 -19.01 6.60 -20.16
C ALA B 203 -20.43 6.09 -20.37
N MET B 204 -20.90 6.18 -21.61
CA MET B 204 -22.24 5.74 -21.94
C MET B 204 -22.31 4.23 -22.10
N CYS B 205 -21.24 3.63 -22.60
CA CYS B 205 -21.22 2.19 -22.76
C CYS B 205 -21.05 1.52 -21.41
N HIS B 206 -20.02 1.94 -20.68
CA HIS B 206 -19.79 1.38 -19.37
C HIS B 206 -21.09 1.38 -18.59
N LEU B 207 -21.80 2.50 -18.63
CA LEU B 207 -23.07 2.57 -17.93
C LEU B 207 -23.94 1.36 -18.31
N LYS B 208 -23.95 1.01 -19.57
CA LYS B 208 -24.74 -0.12 -20.01
C LYS B 208 -24.13 -1.45 -19.59
N LEU B 209 -22.87 -1.43 -19.21
CA LEU B 209 -22.21 -2.67 -18.81
C LEU B 209 -22.12 -2.81 -17.30
N GLN B 210 -22.74 -1.87 -16.58
CA GLN B 210 -22.73 -1.86 -15.13
C GLN B 210 -21.33 -1.56 -14.57
N ALA B 211 -20.43 -1.09 -15.44
CA ALA B 211 -19.08 -0.76 -15.02
C ALA B 211 -19.05 0.68 -14.56
N PHE B 212 -19.74 0.97 -13.47
CA PHE B 212 -19.82 2.32 -12.96
C PHE B 212 -18.53 3.02 -12.60
N SER B 213 -17.56 2.29 -12.06
CA SER B 213 -16.29 2.90 -11.71
C SER B 213 -15.72 3.53 -12.96
N ALA B 214 -15.67 2.74 -14.03
CA ALA B 214 -15.14 3.18 -15.32
C ALA B 214 -16.01 4.27 -15.93
N ALA B 215 -17.32 4.17 -15.71
CA ALA B 215 -18.25 5.17 -16.24
C ALA B 215 -17.81 6.51 -15.70
N ILE B 216 -17.55 6.53 -14.40
CA ILE B 216 -17.13 7.73 -13.70
C ILE B 216 -15.77 8.27 -14.16
N GLU B 217 -14.82 7.40 -14.46
CA GLU B 217 -13.51 7.88 -14.90
C GLU B 217 -13.52 8.43 -16.33
N SER B 218 -14.50 8.00 -17.12
CA SER B 218 -14.63 8.50 -18.48
C SER B 218 -15.28 9.85 -18.35
N CYS B 219 -16.29 9.95 -17.51
CA CYS B 219 -16.96 11.23 -17.31
C CYS B 219 -15.98 12.31 -16.88
N ASN B 220 -14.97 11.92 -16.10
CA ASN B 220 -13.97 12.87 -15.64
C ASN B 220 -13.10 13.29 -16.82
N LYS B 221 -12.50 12.32 -17.50
CA LYS B 221 -11.67 12.65 -18.63
C LYS B 221 -12.49 13.56 -19.54
N ALA B 222 -13.79 13.29 -19.61
CA ALA B 222 -14.68 14.08 -20.43
C ALA B 222 -14.77 15.50 -19.87
N LEU B 223 -15.14 15.60 -18.60
CA LEU B 223 -15.26 16.89 -17.93
C LEU B 223 -14.02 17.79 -17.93
N GLU B 224 -12.83 17.21 -18.14
CA GLU B 224 -11.62 18.03 -18.18
C GLU B 224 -11.67 18.86 -19.44
N LEU B 225 -12.35 18.32 -20.44
CA LEU B 225 -12.50 18.97 -21.74
C LEU B 225 -13.69 19.91 -21.80
N ASP B 226 -14.63 19.76 -20.87
CA ASP B 226 -15.81 20.61 -20.84
C ASP B 226 -16.35 20.55 -19.42
N SER B 227 -15.70 21.24 -18.50
CA SER B 227 -16.14 21.20 -17.11
C SER B 227 -17.62 21.38 -16.87
N ASN B 228 -18.36 21.88 -17.86
CA ASN B 228 -19.81 22.08 -17.71
C ASN B 228 -20.67 21.24 -18.67
N ASN B 229 -20.10 20.17 -19.21
CA ASN B 229 -20.79 19.30 -20.14
C ASN B 229 -22.03 18.62 -19.51
N GLU B 230 -23.21 18.91 -20.04
CA GLU B 230 -24.48 18.35 -19.53
C GLU B 230 -24.53 16.83 -19.54
N LYS B 231 -24.12 16.21 -20.63
CA LYS B 231 -24.13 14.74 -20.68
C LYS B 231 -23.07 14.19 -19.73
N GLY B 232 -21.95 14.89 -19.60
CA GLY B 232 -20.89 14.45 -18.72
C GLY B 232 -21.35 14.45 -17.28
N LEU B 233 -21.59 15.63 -16.72
CA LEU B 233 -22.03 15.76 -15.34
C LEU B 233 -23.21 14.87 -15.06
N PHE B 234 -23.97 14.62 -16.10
CA PHE B 234 -25.17 13.84 -16.02
C PHE B 234 -24.90 12.36 -15.85
N ARG B 235 -24.14 11.80 -16.78
CA ARG B 235 -23.83 10.38 -16.75
C ARG B 235 -23.03 9.94 -15.53
N ARG B 236 -22.23 10.84 -14.98
CA ARG B 236 -21.43 10.52 -13.82
C ARG B 236 -22.39 10.48 -12.66
N GLY B 237 -23.18 11.53 -12.54
CA GLY B 237 -24.15 11.59 -11.45
C GLY B 237 -24.91 10.29 -11.35
N GLU B 238 -25.23 9.71 -12.52
CA GLU B 238 -25.96 8.45 -12.58
C GLU B 238 -25.12 7.27 -12.10
N ALA B 239 -23.88 7.20 -12.55
CA ALA B 239 -23.00 6.11 -12.13
C ALA B 239 -22.78 6.12 -10.62
N HIS B 240 -22.87 7.30 -10.01
CA HIS B 240 -22.70 7.38 -8.57
C HIS B 240 -23.94 6.80 -7.91
N LEU B 241 -25.08 7.41 -8.18
CA LEU B 241 -26.33 6.95 -7.62
C LEU B 241 -26.47 5.46 -7.89
N ALA B 242 -25.90 5.02 -9.01
CA ALA B 242 -25.97 3.61 -9.39
C ALA B 242 -25.28 2.74 -8.35
N VAL B 243 -24.25 3.26 -7.72
CA VAL B 243 -23.55 2.48 -6.70
C VAL B 243 -23.85 3.02 -5.31
N ASN B 244 -25.09 3.47 -5.11
CA ASN B 244 -25.53 4.01 -3.84
C ASN B 244 -24.58 5.02 -3.23
N ASP B 245 -24.17 6.00 -4.03
CA ASP B 245 -23.29 7.07 -3.58
C ASP B 245 -24.12 8.32 -3.81
N PHE B 246 -25.06 8.57 -2.91
CA PHE B 246 -25.97 9.68 -3.05
C PHE B 246 -25.40 11.08 -2.96
N GLU B 247 -24.56 11.31 -1.97
CA GLU B 247 -23.97 12.62 -1.76
C GLU B 247 -23.34 13.15 -3.04
N LEU B 248 -22.53 12.31 -3.68
CA LEU B 248 -21.84 12.66 -4.93
C LEU B 248 -22.79 12.79 -6.11
N ALA B 249 -23.81 11.94 -6.13
CA ALA B 249 -24.81 11.96 -7.18
C ALA B 249 -25.61 13.25 -7.04
N ARG B 250 -25.97 13.59 -5.81
CA ARG B 250 -26.72 14.79 -5.54
C ARG B 250 -25.92 15.95 -6.07
N ALA B 251 -24.62 15.91 -5.78
CA ALA B 251 -23.74 16.98 -6.22
C ALA B 251 -23.85 17.21 -7.72
N ASP B 252 -23.56 16.18 -8.52
CA ASP B 252 -23.61 16.28 -9.97
C ASP B 252 -24.97 16.66 -10.53
N PHE B 253 -26.04 16.03 -10.05
CA PHE B 253 -27.36 16.38 -10.54
C PHE B 253 -27.68 17.81 -10.15
N GLN B 254 -27.65 18.06 -8.84
CA GLN B 254 -27.92 19.39 -8.31
C GLN B 254 -27.21 20.42 -9.20
N LYS B 255 -25.97 20.12 -9.50
CA LYS B 255 -25.12 20.98 -10.32
C LYS B 255 -25.57 21.06 -11.78
N VAL B 256 -26.13 19.96 -12.30
CA VAL B 256 -26.59 19.93 -13.68
C VAL B 256 -27.76 20.89 -13.88
N LEU B 257 -28.70 20.91 -12.94
CA LEU B 257 -29.85 21.81 -13.07
C LEU B 257 -29.37 23.25 -13.02
N GLN B 258 -28.38 23.54 -12.19
CA GLN B 258 -27.84 24.88 -12.09
C GLN B 258 -27.48 25.33 -13.50
N LEU B 259 -27.00 24.39 -14.31
CA LEU B 259 -26.63 24.69 -15.69
C LEU B 259 -27.75 24.39 -16.66
N TYR B 260 -28.51 23.34 -16.38
CA TYR B 260 -29.61 22.92 -17.25
C TYR B 260 -30.86 22.61 -16.44
N PRO B 261 -31.62 23.66 -16.09
CA PRO B 261 -32.84 23.50 -15.30
C PRO B 261 -33.97 22.76 -16.02
N ASN B 262 -34.01 22.88 -17.34
CA ASN B 262 -35.06 22.21 -18.11
C ASN B 262 -34.75 20.73 -18.22
N ASN B 263 -33.59 20.33 -17.70
CA ASN B 263 -33.19 18.94 -17.76
C ASN B 263 -34.16 18.10 -16.95
N LYS B 264 -34.77 17.13 -17.63
CA LYS B 264 -35.76 16.26 -17.00
C LYS B 264 -35.24 15.30 -15.94
N ALA B 265 -34.37 14.37 -16.32
CA ALA B 265 -33.82 13.37 -15.39
C ALA B 265 -33.08 13.98 -14.20
N ALA B 266 -32.37 15.07 -14.46
CA ALA B 266 -31.62 15.72 -13.39
C ALA B 266 -32.57 15.99 -12.26
N LYS B 267 -33.74 16.54 -12.60
CA LYS B 267 -34.75 16.88 -11.61
C LYS B 267 -35.34 15.67 -10.91
N THR B 268 -35.57 14.59 -11.63
CA THR B 268 -36.15 13.41 -11.02
C THR B 268 -35.13 12.67 -10.16
N GLN B 269 -33.93 12.47 -10.70
CA GLN B 269 -32.88 11.78 -9.95
C GLN B 269 -32.54 12.52 -8.66
N LEU B 270 -32.24 13.81 -8.79
CA LEU B 270 -31.89 14.62 -7.64
C LEU B 270 -32.86 14.27 -6.52
N ALA B 271 -34.15 14.41 -6.80
CA ALA B 271 -35.18 14.11 -5.83
C ALA B 271 -34.95 12.76 -5.16
N VAL B 272 -34.59 11.76 -5.96
CA VAL B 272 -34.34 10.42 -5.42
C VAL B 272 -33.19 10.40 -4.42
N CYS B 273 -32.14 11.15 -4.70
CA CYS B 273 -31.01 11.21 -3.79
C CYS B 273 -31.51 11.76 -2.47
N GLN B 274 -32.41 12.74 -2.55
CA GLN B 274 -32.97 13.33 -1.35
C GLN B 274 -33.63 12.24 -0.53
N GLN B 275 -34.51 11.47 -1.16
CA GLN B 275 -35.23 10.40 -0.47
C GLN B 275 -34.24 9.48 0.23
N ARG B 276 -33.23 9.02 -0.51
CA ARG B 276 -32.23 8.12 0.05
C ARG B 276 -31.44 8.74 1.21
N ILE B 277 -31.09 10.02 1.07
CA ILE B 277 -30.33 10.71 2.10
C ILE B 277 -31.14 11.00 3.36
N ARG B 278 -32.46 11.03 3.24
CA ARG B 278 -33.29 11.29 4.41
C ARG B 278 -33.37 10.01 5.23
N ARG B 279 -33.69 8.90 4.56
CA ARG B 279 -33.79 7.63 5.25
C ARG B 279 -32.46 7.32 5.92
N GLN B 280 -31.38 7.52 5.17
CA GLN B 280 -30.04 7.26 5.67
C GLN B 280 -29.77 8.03 6.97
N LEU B 281 -29.98 9.35 6.96
CA LEU B 281 -29.77 10.14 8.15
C LEU B 281 -30.64 9.61 9.28
N ALA B 282 -31.92 9.42 8.96
CA ALA B 282 -32.89 8.92 9.91
C ALA B 282 -32.39 7.65 10.57
N ARG B 283 -31.87 6.71 9.78
CA ARG B 283 -31.36 5.46 10.31
C ARG B 283 -30.21 5.69 11.29
N GLU B 284 -29.21 6.44 10.86
CA GLU B 284 -28.08 6.69 11.73
C GLU B 284 -28.46 7.45 12.98
N LYS B 285 -29.30 8.46 12.82
CA LYS B 285 -29.73 9.24 13.97
C LYS B 285 -30.34 8.28 14.97
N LYS B 286 -31.20 7.39 14.49
CA LYS B 286 -31.80 6.42 15.39
C LYS B 286 -30.70 5.55 15.95
N LEU B 287 -29.70 5.25 15.12
CA LEU B 287 -28.60 4.42 15.58
C LEU B 287 -27.79 5.09 16.67
N TYR B 288 -27.38 6.34 16.44
CA TYR B 288 -26.59 6.99 17.46
C TYR B 288 -27.39 7.21 18.73
N ALA B 289 -28.72 7.31 18.61
CA ALA B 289 -29.56 7.49 19.77
C ALA B 289 -29.43 6.24 20.64
N ASN B 290 -29.67 5.07 20.06
CA ASN B 290 -29.55 3.83 20.83
C ASN B 290 -28.15 3.62 21.39
N MET B 291 -27.16 3.83 20.53
CA MET B 291 -25.77 3.69 20.95
C MET B 291 -25.56 4.47 22.22
N PHE B 292 -26.30 5.56 22.37
CA PHE B 292 -26.19 6.40 23.54
C PHE B 292 -26.80 5.73 24.76
N GLU B 293 -28.13 5.58 24.75
CA GLU B 293 -28.86 4.97 25.86
C GLU B 293 -28.05 3.83 26.41
N ARG B 294 -27.72 2.89 25.53
CA ARG B 294 -26.94 1.72 25.88
C ARG B 294 -25.72 2.13 26.69
N LEU B 295 -24.91 3.02 26.14
CA LEU B 295 -23.71 3.48 26.84
C LEU B 295 -24.05 3.98 28.24
N ALA B 296 -25.07 4.82 28.31
CA ALA B 296 -25.53 5.41 29.56
C ALA B 296 -25.81 4.33 30.60
N GLU B 297 -26.52 3.28 30.17
CA GLU B 297 -26.86 2.18 31.04
C GLU B 297 -25.59 1.48 31.52
N GLU B 298 -24.67 1.25 30.59
CA GLU B 298 -23.42 0.59 30.89
C GLU B 298 -22.63 1.37 31.91
N GLU B 299 -22.94 2.66 32.00
CA GLU B 299 -22.26 3.54 32.94
C GLU B 299 -22.96 3.51 34.29
N ASN B 300 -24.30 3.45 34.27
CA ASN B 300 -25.07 3.41 35.51
C ASN B 300 -24.60 2.31 36.43
N LYS B 301 -23.96 1.30 35.88
CA LYS B 301 -23.44 0.22 36.70
C LYS B 301 -22.26 0.79 37.49
N ALA B 302 -22.49 1.00 38.79
CA ALA B 302 -21.47 1.53 39.70
C ALA B 302 -21.76 1.00 41.11
N GLY C 18 -11.76 -1.28 20.83
CA GLY C 18 -11.94 0.15 20.48
C GLY C 18 -10.64 0.87 20.18
N SER C 19 -10.07 0.58 19.01
CA SER C 19 -8.81 1.19 18.55
C SER C 19 -7.63 0.97 19.49
N HIS C 20 -7.63 -0.05 20.32
CA HIS C 20 -6.52 -0.08 21.24
C HIS C 20 -5.25 -0.88 21.12
N MET C 21 -4.22 -0.05 21.07
CA MET C 21 -2.81 -0.38 21.00
C MET C 21 -2.40 -1.79 20.69
N GLU C 22 -2.81 -2.32 19.55
CA GLU C 22 -2.32 -3.64 19.23
C GLU C 22 -1.18 -3.43 18.24
N GLU C 23 -0.27 -2.55 18.67
CA GLU C 23 0.94 -2.16 17.94
C GLU C 23 2.04 -2.95 18.62
N ASP C 24 1.67 -3.59 19.72
CA ASP C 24 2.58 -4.41 20.50
C ASP C 24 3.74 -3.62 21.09
N GLY C 25 3.44 -2.76 22.05
CA GLY C 25 4.44 -1.96 22.71
C GLY C 25 5.31 -1.05 21.85
N GLY C 26 4.92 -0.81 20.60
CA GLY C 26 5.70 0.06 19.74
C GLY C 26 5.79 1.42 20.39
N ILE C 27 4.72 1.77 21.08
CA ILE C 27 4.64 3.04 21.78
C ILE C 27 4.03 2.77 23.16
N ILE C 28 4.74 3.14 24.21
CA ILE C 28 4.25 2.94 25.56
C ILE C 28 4.53 4.21 26.34
N ARG C 29 3.50 4.75 27.00
CA ARG C 29 3.72 5.98 27.76
C ARG C 29 3.58 5.83 29.28
N ARG C 30 4.64 6.20 29.97
CA ARG C 30 4.72 6.15 31.43
C ARG C 30 4.28 7.51 31.95
N ILE C 31 2.97 7.70 32.11
CA ILE C 31 2.44 8.97 32.59
C ILE C 31 3.07 9.45 33.89
N GLN C 32 4.01 10.38 33.80
CA GLN C 32 4.67 10.89 34.98
C GLN C 32 3.75 11.71 35.88
N THR C 33 3.06 12.68 35.29
CA THR C 33 2.14 13.54 36.03
C THR C 33 0.83 13.71 35.30
N ARG C 34 -0.13 12.83 35.60
CA ARG C 34 -1.43 12.91 34.96
C ARG C 34 -1.94 14.35 34.87
N GLY C 35 -2.39 14.74 33.68
CA GLY C 35 -2.91 16.08 33.48
C GLY C 35 -4.42 16.05 33.59
N GLU C 36 -5.06 17.22 33.69
CA GLU C 36 -6.52 17.30 33.80
C GLU C 36 -7.21 16.19 33.01
N GLY C 37 -7.65 16.49 31.80
CA GLY C 37 -8.31 15.47 31.01
C GLY C 37 -9.49 15.92 30.17
N TYR C 38 -10.44 15.01 29.99
CA TYR C 38 -11.65 15.24 29.20
C TYR C 38 -11.36 14.79 27.77
N ALA C 39 -11.08 15.75 26.89
CA ALA C 39 -10.78 15.45 25.50
C ALA C 39 -9.27 15.51 25.30
N LYS C 40 -8.81 15.08 24.13
CA LYS C 40 -7.39 15.09 23.86
C LYS C 40 -7.03 15.25 22.38
N PRO C 41 -5.81 15.78 22.10
CA PRO C 41 -5.28 16.02 20.75
C PRO C 41 -5.74 14.99 19.74
N ASN C 42 -6.07 15.45 18.55
CA ASN C 42 -6.53 14.54 17.49
C ASN C 42 -5.82 14.83 16.20
N GLU C 43 -5.99 13.94 15.25
CA GLU C 43 -5.40 14.09 13.93
C GLU C 43 -5.64 15.53 13.46
N GLY C 44 -4.57 16.25 13.16
CA GLY C 44 -4.68 17.61 12.68
C GLY C 44 -4.83 18.73 13.69
N ALA C 45 -4.91 18.40 14.98
CA ALA C 45 -5.04 19.43 16.01
C ALA C 45 -3.74 20.21 16.20
N ILE C 46 -3.84 21.41 16.76
CA ILE C 46 -2.65 22.22 17.01
C ILE C 46 -2.26 22.04 18.46
N VAL C 47 -1.07 21.51 18.67
CA VAL C 47 -0.59 21.24 20.01
C VAL C 47 0.60 22.05 20.50
N GLU C 48 0.51 22.59 21.72
CA GLU C 48 1.61 23.33 22.33
C GLU C 48 2.34 22.26 23.09
N VAL C 49 3.64 22.09 22.86
CA VAL C 49 4.36 21.02 23.51
C VAL C 49 5.81 21.29 23.91
N ALA C 50 6.24 20.65 25.00
CA ALA C 50 7.60 20.77 25.48
C ALA C 50 8.16 19.35 25.51
N LEU C 51 9.05 19.05 24.56
CA LEU C 51 9.64 17.72 24.44
C LEU C 51 11.17 17.72 24.57
N GLU C 52 11.73 16.52 24.52
CA GLU C 52 13.17 16.27 24.57
C GLU C 52 13.39 14.78 24.43
N GLY C 53 14.14 14.38 23.40
CA GLY C 53 14.37 12.96 23.15
C GLY C 53 15.77 12.45 23.33
N TYR C 54 15.87 11.18 23.71
CA TYR C 54 17.16 10.54 23.94
C TYR C 54 17.30 9.33 23.04
N TYR C 55 18.48 9.17 22.44
CA TYR C 55 18.74 8.03 21.56
C TYR C 55 18.77 6.78 22.43
N LYS C 56 19.88 6.60 23.13
CA LYS C 56 20.03 5.47 24.04
C LYS C 56 20.15 6.08 25.42
N ASP C 57 20.22 7.41 25.46
CA ASP C 57 20.36 8.12 26.71
C ASP C 57 20.74 9.58 26.45
N LYS C 58 21.41 9.82 25.33
CA LYS C 58 21.85 11.17 24.99
C LYS C 58 20.71 12.05 24.51
N LEU C 59 20.67 13.29 25.01
CA LEU C 59 19.63 14.25 24.62
C LEU C 59 19.93 14.88 23.27
N PHE C 60 19.41 14.28 22.21
CA PHE C 60 19.63 14.76 20.87
C PHE C 60 18.65 15.87 20.46
N ASP C 61 17.60 16.05 21.25
CA ASP C 61 16.59 17.06 20.94
C ASP C 61 15.91 17.59 22.20
N GLN C 62 15.76 18.91 22.26
CA GLN C 62 15.11 19.57 23.38
C GLN C 62 14.58 20.90 22.87
N ARG C 63 13.26 21.08 22.97
CA ARG C 63 12.58 22.29 22.51
C ARG C 63 11.10 22.30 22.86
N GLU C 64 10.49 23.49 22.79
CA GLU C 64 9.05 23.62 23.05
C GLU C 64 8.50 24.29 21.80
N LEU C 65 7.50 23.67 21.20
CA LEU C 65 6.96 24.22 19.97
C LEU C 65 5.48 23.98 19.79
N ARG C 66 4.92 24.64 18.80
CA ARG C 66 3.53 24.47 18.46
C ARG C 66 3.57 23.87 17.06
N PHE C 67 3.02 22.68 16.90
CA PHE C 67 2.98 22.07 15.59
C PHE C 67 1.60 21.45 15.41
N GLU C 68 1.28 21.07 14.19
CA GLU C 68 -0.02 20.48 13.90
C GLU C 68 0.15 18.98 13.84
N ILE C 69 -0.72 18.24 14.54
CA ILE C 69 -0.63 16.78 14.54
C ILE C 69 -0.74 16.24 13.11
N GLY C 70 0.33 15.59 12.65
CA GLY C 70 0.33 15.03 11.32
C GLY C 70 1.25 15.84 10.43
N GLU C 71 1.89 16.81 11.05
CA GLU C 71 2.80 17.71 10.36
C GLU C 71 4.20 17.41 10.92
N GLY C 72 4.22 16.54 11.93
CA GLY C 72 5.44 16.15 12.63
C GLY C 72 6.66 15.75 11.83
N GLU C 73 6.48 14.88 10.86
CA GLU C 73 7.59 14.42 10.03
C GLU C 73 8.43 15.58 9.50
N ASN C 74 7.77 16.71 9.28
CA ASN C 74 8.41 17.89 8.73
C ASN C 74 9.06 18.81 9.76
N LEU C 75 9.03 18.37 11.01
CA LEU C 75 9.62 19.14 12.10
C LEU C 75 10.58 18.21 12.85
N ASP C 76 10.95 17.14 12.18
CA ASP C 76 11.88 16.15 12.70
C ASP C 76 11.33 15.46 13.94
N LEU C 77 10.12 14.93 13.82
CA LEU C 77 9.47 14.22 14.92
C LEU C 77 9.01 12.85 14.43
N PRO C 78 9.29 11.79 15.21
CA PRO C 78 8.92 10.42 14.87
C PRO C 78 7.41 10.20 14.73
N TYR C 79 7.03 9.35 13.79
CA TYR C 79 5.64 9.01 13.56
C TYR C 79 5.02 8.61 14.90
N GLY C 80 5.76 7.82 15.65
CA GLY C 80 5.30 7.32 16.94
C GLY C 80 5.02 8.41 17.94
N LEU C 81 5.90 9.39 18.00
CA LEU C 81 5.75 10.50 18.93
C LEU C 81 4.45 11.28 18.76
N GLU C 82 3.93 11.33 17.54
CA GLU C 82 2.67 12.02 17.30
C GLU C 82 1.51 11.21 17.85
N ARG C 83 1.46 9.93 17.47
CA ARG C 83 0.39 9.05 17.95
C ARG C 83 0.30 9.15 19.46
N ALA C 84 1.45 9.07 20.12
CA ALA C 84 1.52 9.14 21.59
C ALA C 84 0.94 10.43 22.15
N ILE C 85 1.12 11.53 21.43
CA ILE C 85 0.60 12.79 21.90
C ILE C 85 -0.92 12.83 21.83
N GLN C 86 -1.51 12.17 20.84
CA GLN C 86 -2.98 12.17 20.69
C GLN C 86 -3.66 11.44 21.84
N ARG C 87 -2.90 10.64 22.57
CA ARG C 87 -3.46 9.88 23.68
C ARG C 87 -3.16 10.63 24.96
N MET C 88 -2.62 11.83 24.83
CA MET C 88 -2.27 12.62 26.00
C MET C 88 -3.42 13.54 26.40
N GLU C 89 -3.58 13.74 27.71
CA GLU C 89 -4.62 14.61 28.20
C GLU C 89 -4.01 15.97 28.50
N LYS C 90 -4.86 16.99 28.51
CA LYS C 90 -4.48 18.38 28.76
C LYS C 90 -3.04 18.62 29.20
N GLY C 91 -2.81 18.81 30.49
CA GLY C 91 -1.47 19.09 30.98
C GLY C 91 -0.66 17.89 31.39
N GLU C 92 -1.00 16.74 30.83
CA GLU C 92 -0.30 15.49 31.14
C GLU C 92 1.21 15.61 30.93
N HIS C 93 1.96 14.88 31.76
CA HIS C 93 3.41 14.82 31.66
C HIS C 93 3.65 13.33 31.43
N SER C 94 4.55 12.98 30.53
CA SER C 94 4.77 11.57 30.28
C SER C 94 6.13 11.26 29.74
N ILE C 95 6.38 9.97 29.56
CA ILE C 95 7.63 9.48 29.02
C ILE C 95 7.21 8.44 27.99
N VAL C 96 7.57 8.69 26.73
CA VAL C 96 7.23 7.79 25.64
C VAL C 96 8.45 7.04 25.16
N TYR C 97 8.31 5.72 25.09
CA TYR C 97 9.40 4.87 24.62
C TYR C 97 8.98 4.38 23.25
N LEU C 98 9.79 4.72 22.25
CA LEU C 98 9.48 4.33 20.88
C LEU C 98 10.34 3.19 20.38
N LYS C 99 9.68 2.15 19.88
CA LYS C 99 10.39 1.00 19.34
C LYS C 99 10.93 1.40 17.98
N PRO C 100 12.14 0.93 17.64
CA PRO C 100 12.74 1.25 16.33
C PRO C 100 11.81 0.74 15.26
N SER C 101 10.92 1.60 14.77
CA SER C 101 9.95 1.23 13.76
C SER C 101 8.88 2.30 13.81
N TYR C 102 8.75 2.90 14.98
CA TYR C 102 7.80 3.97 15.23
C TYR C 102 8.64 5.16 15.64
N ALA C 103 9.87 5.23 15.14
CA ALA C 103 10.76 6.32 15.50
C ALA C 103 12.07 6.30 14.72
N PHE C 104 12.04 6.79 13.48
CA PHE C 104 13.25 6.81 12.65
C PHE C 104 13.71 5.39 12.32
N GLY C 105 12.75 4.48 12.18
CA GLY C 105 13.08 3.11 11.86
C GLY C 105 13.42 2.97 10.39
N SER C 106 14.47 2.21 10.09
CA SER C 106 14.93 1.98 8.72
C SER C 106 15.76 3.16 8.23
N VAL C 107 15.12 4.32 8.18
CA VAL C 107 15.74 5.56 7.74
C VAL C 107 16.88 6.02 8.64
N GLY C 108 16.51 6.52 9.82
CA GLY C 108 17.47 7.04 10.76
C GLY C 108 17.30 8.54 10.72
N LYS C 109 18.25 9.29 11.27
CA LYS C 109 18.14 10.74 11.28
C LYS C 109 19.49 11.40 11.57
N GLU C 110 20.44 11.18 10.66
CA GLU C 110 21.79 11.73 10.76
C GLU C 110 21.81 13.09 11.45
N LYS C 111 20.90 13.96 11.02
CA LYS C 111 20.78 15.30 11.58
C LYS C 111 20.87 15.29 13.10
N PHE C 112 20.46 14.18 13.70
CA PHE C 112 20.48 14.01 15.15
C PHE C 112 21.44 12.86 15.47
N GLN C 113 21.88 12.19 14.41
CA GLN C 113 22.79 11.07 14.54
C GLN C 113 22.02 9.93 15.20
N ILE C 114 21.19 9.26 14.40
CA ILE C 114 20.39 8.15 14.89
C ILE C 114 20.36 7.07 13.83
N PRO C 115 21.12 5.99 14.05
CA PRO C 115 21.27 4.81 13.18
C PRO C 115 19.92 4.31 12.68
N PRO C 116 19.89 3.79 11.44
CA PRO C 116 18.67 3.28 10.82
C PRO C 116 17.72 2.65 11.83
N ASN C 117 18.10 1.49 12.37
CA ASN C 117 17.28 0.83 13.37
C ASN C 117 17.74 1.33 14.73
N ALA C 118 16.81 1.85 15.52
CA ALA C 118 17.14 2.38 16.83
C ALA C 118 15.89 2.76 17.60
N GLU C 119 15.88 2.50 18.90
CA GLU C 119 14.75 2.81 19.75
C GLU C 119 14.98 4.18 20.37
N LEU C 120 13.89 4.90 20.63
CA LEU C 120 14.02 6.23 21.20
C LEU C 120 13.19 6.42 22.46
N LYS C 121 13.44 7.53 23.16
CA LYS C 121 12.74 7.86 24.39
C LYS C 121 12.51 9.36 24.52
N TYR C 122 11.24 9.77 24.62
CA TYR C 122 10.91 11.19 24.76
C TYR C 122 10.24 11.50 26.11
N GLU C 123 10.38 12.74 26.55
CA GLU C 123 9.75 13.18 27.78
C GLU C 123 8.81 14.31 27.40
N LEU C 124 7.63 13.96 26.92
CA LEU C 124 6.63 14.94 26.51
C LEU C 124 5.86 15.56 27.64
N HIS C 125 5.42 16.80 27.41
CA HIS C 125 4.62 17.56 28.35
C HIS C 125 3.59 18.31 27.52
N LEU C 126 2.40 17.73 27.38
CA LEU C 126 1.33 18.35 26.62
C LEU C 126 0.87 19.58 27.40
N LYS C 127 1.20 20.76 26.89
CA LYS C 127 0.82 22.00 27.54
C LYS C 127 -0.61 22.42 27.25
N SER C 128 -0.93 22.53 25.97
CA SER C 128 -2.27 22.93 25.55
C SER C 128 -2.50 22.44 24.15
N PHE C 129 -3.70 22.67 23.63
CA PHE C 129 -4.00 22.26 22.27
C PHE C 129 -5.40 22.64 21.85
N GLU C 130 -5.59 22.73 20.54
CA GLU C 130 -6.89 23.07 19.97
C GLU C 130 -7.32 21.93 19.08
N LYS C 131 -8.19 21.07 19.63
CA LYS C 131 -8.71 19.92 18.91
C LYS C 131 -9.09 20.39 17.50
N ALA C 132 -8.86 19.54 16.51
CA ALA C 132 -9.24 19.92 15.16
C ALA C 132 -10.71 19.52 15.08
N LYS C 133 -11.37 19.84 13.98
CA LYS C 133 -12.77 19.46 13.85
C LYS C 133 -12.95 18.42 12.75
N GLU C 134 -13.52 17.27 13.13
CA GLU C 134 -13.75 16.20 12.15
C GLU C 134 -14.80 16.73 11.21
N SER C 135 -14.89 16.12 10.03
CA SER C 135 -15.84 16.57 9.03
C SER C 135 -17.29 16.66 9.57
N TRP C 136 -17.79 15.58 10.14
CA TRP C 136 -19.15 15.55 10.68
C TRP C 136 -19.47 16.69 11.64
N GLU C 137 -18.48 17.18 12.38
CA GLU C 137 -18.68 18.28 13.33
C GLU C 137 -19.02 19.64 12.69
N MET C 138 -18.95 19.73 11.36
CA MET C 138 -19.19 21.02 10.69
C MET C 138 -20.30 21.11 9.67
N ASN C 139 -21.19 22.10 9.83
CA ASN C 139 -22.26 22.27 8.86
C ASN C 139 -21.74 23.02 7.62
N SER C 140 -22.56 23.13 6.59
CA SER C 140 -22.17 23.82 5.36
C SER C 140 -21.40 25.11 5.58
N GLU C 141 -21.94 25.98 6.43
CA GLU C 141 -21.29 27.26 6.72
C GLU C 141 -19.87 27.04 7.22
N GLU C 142 -19.75 26.42 8.39
CA GLU C 142 -18.46 26.15 9.00
C GLU C 142 -17.46 25.52 8.02
N LYS C 143 -17.83 24.40 7.42
CA LYS C 143 -16.94 23.73 6.47
C LYS C 143 -16.36 24.70 5.46
N LEU C 144 -17.19 25.62 4.97
CA LEU C 144 -16.71 26.59 4.02
C LEU C 144 -15.73 27.54 4.69
N GLU C 145 -16.08 28.01 5.89
CA GLU C 145 -15.19 28.93 6.59
C GLU C 145 -13.90 28.22 6.88
N GLN C 146 -14.03 27.11 7.60
CA GLN C 146 -12.88 26.30 7.97
C GLN C 146 -11.97 25.95 6.79
N SER C 147 -12.53 25.83 5.60
CA SER C 147 -11.74 25.50 4.41
C SER C 147 -10.97 26.73 4.00
N THR C 148 -11.60 27.89 4.14
CA THR C 148 -10.97 29.15 3.75
C THR C 148 -9.84 29.51 4.70
N ILE C 149 -9.98 29.15 5.97
CA ILE C 149 -8.94 29.43 6.94
C ILE C 149 -7.75 28.56 6.59
N VAL C 150 -8.02 27.28 6.36
CA VAL C 150 -6.96 26.36 6.00
C VAL C 150 -6.33 26.75 4.65
N LYS C 151 -7.06 27.44 3.80
CA LYS C 151 -6.47 27.83 2.54
C LYS C 151 -5.41 28.88 2.86
N GLU C 152 -5.73 29.74 3.82
CA GLU C 152 -4.82 30.79 4.22
C GLU C 152 -3.56 30.19 4.81
N ARG C 153 -3.71 29.21 5.69
CA ARG C 153 -2.55 28.57 6.28
C ARG C 153 -1.70 28.05 5.17
N GLY C 154 -2.32 27.34 4.25
CA GLY C 154 -1.60 26.76 3.14
C GLY C 154 -0.70 27.75 2.44
N THR C 155 -1.13 29.00 2.34
CA THR C 155 -0.33 29.99 1.65
C THR C 155 0.91 30.40 2.42
N VAL C 156 0.80 30.48 3.75
CA VAL C 156 1.96 30.86 4.54
C VAL C 156 3.01 29.77 4.38
N TYR C 157 2.60 28.52 4.56
CA TYR C 157 3.52 27.38 4.40
C TYR C 157 4.26 27.39 3.06
N PHE C 158 3.55 27.70 1.99
CA PHE C 158 4.13 27.73 0.67
C PHE C 158 5.08 28.92 0.50
N LYS C 159 4.73 30.05 1.10
CA LYS C 159 5.57 31.21 0.97
C LYS C 159 6.87 31.02 1.73
N GLU C 160 6.85 30.17 2.75
CA GLU C 160 8.07 29.94 3.52
C GLU C 160 8.86 28.78 2.93
N GLY C 161 8.40 28.29 1.79
CA GLY C 161 9.08 27.17 1.14
C GLY C 161 8.86 25.84 1.85
N LYS C 162 7.91 25.79 2.78
CA LYS C 162 7.60 24.56 3.51
C LYS C 162 6.52 23.80 2.75
N TYR C 163 6.87 23.45 1.50
CA TYR C 163 5.96 22.77 0.59
C TYR C 163 5.20 21.53 1.07
N LYS C 164 5.84 20.65 1.82
CA LYS C 164 5.14 19.46 2.25
C LYS C 164 4.02 19.81 3.23
N GLN C 165 4.26 20.79 4.10
CA GLN C 165 3.23 21.18 5.05
C GLN C 165 2.05 21.88 4.35
N ALA C 166 2.35 22.56 3.25
CA ALA C 166 1.31 23.25 2.49
C ALA C 166 0.34 22.18 1.96
N LEU C 167 0.88 21.10 1.40
CA LEU C 167 0.04 20.02 0.90
C LEU C 167 -0.98 19.59 1.97
N LEU C 168 -0.52 19.35 3.18
CA LEU C 168 -1.41 18.94 4.24
C LEU C 168 -2.64 19.85 4.33
N GLN C 169 -2.41 21.15 4.24
CA GLN C 169 -3.49 22.10 4.34
C GLN C 169 -4.42 21.96 3.17
N TYR C 170 -3.89 22.24 1.99
CA TYR C 170 -4.69 22.16 0.79
C TYR C 170 -5.45 20.88 0.70
N LYS C 171 -4.87 19.80 1.20
CA LYS C 171 -5.56 18.51 1.15
C LYS C 171 -6.79 18.45 2.04
N LYS C 172 -6.75 19.13 3.17
CA LYS C 172 -7.90 19.09 4.05
C LYS C 172 -9.12 19.59 3.31
N ILE C 173 -8.99 20.77 2.70
CA ILE C 173 -10.09 21.37 1.97
C ILE C 173 -10.77 20.36 1.04
N VAL C 174 -9.98 19.78 0.15
CA VAL C 174 -10.51 18.81 -0.78
C VAL C 174 -11.27 17.68 -0.08
N SER C 175 -10.84 17.38 1.15
CA SER C 175 -11.42 16.30 1.93
C SER C 175 -12.78 16.63 2.61
N TRP C 176 -12.82 17.74 3.33
CA TRP C 176 -14.06 18.13 3.99
C TRP C 176 -15.15 18.31 2.96
N LEU C 177 -14.78 18.93 1.84
CA LEU C 177 -15.69 19.26 0.74
C LEU C 177 -15.96 18.18 -0.29
N GLU C 178 -15.51 16.95 -0.02
CA GLU C 178 -15.69 15.87 -1.00
C GLU C 178 -17.07 15.23 -0.96
N TYR C 179 -17.56 14.95 0.24
CA TYR C 179 -18.87 14.33 0.38
C TYR C 179 -19.92 15.28 0.92
N GLU C 180 -19.51 16.51 1.22
CA GLU C 180 -20.47 17.48 1.73
C GLU C 180 -21.43 17.76 0.58
N SER C 181 -22.72 17.56 0.84
CA SER C 181 -23.71 17.73 -0.19
C SER C 181 -24.85 18.73 0.11
N SER C 182 -25.25 18.81 1.37
CA SER C 182 -26.33 19.72 1.76
C SER C 182 -26.02 21.19 1.47
N PHE C 183 -25.18 21.43 0.48
CA PHE C 183 -24.84 22.79 0.11
C PHE C 183 -26.04 23.49 -0.50
N SER C 184 -25.80 24.41 -1.43
CA SER C 184 -26.90 25.13 -2.04
C SER C 184 -26.41 26.18 -3.01
N ASN C 185 -26.37 25.83 -4.29
CA ASN C 185 -25.90 26.73 -5.33
C ASN C 185 -24.97 27.78 -4.77
N GLU C 186 -25.50 28.78 -4.07
CA GLU C 186 -24.65 29.80 -3.47
C GLU C 186 -23.47 29.10 -2.77
N GLU C 187 -23.77 28.22 -1.82
CA GLU C 187 -22.72 27.51 -1.11
C GLU C 187 -22.05 26.52 -2.04
N ALA C 188 -22.85 25.74 -2.76
CA ALA C 188 -22.30 24.76 -3.69
C ALA C 188 -21.19 25.32 -4.57
N GLN C 189 -21.31 26.55 -5.03
CA GLN C 189 -20.27 27.07 -5.89
C GLN C 189 -19.18 27.80 -5.12
N LYS C 190 -19.45 28.18 -3.89
CA LYS C 190 -18.42 28.81 -3.12
C LYS C 190 -17.49 27.64 -2.85
N ALA C 191 -18.08 26.46 -2.71
CA ALA C 191 -17.33 25.24 -2.43
C ALA C 191 -16.59 24.70 -3.64
N GLN C 192 -17.04 25.04 -4.84
CA GLN C 192 -16.34 24.56 -6.01
C GLN C 192 -15.09 25.41 -6.22
N ALA C 193 -15.24 26.72 -6.07
CA ALA C 193 -14.13 27.63 -6.26
C ALA C 193 -13.08 27.30 -5.23
N LEU C 194 -13.52 26.72 -4.12
CA LEU C 194 -12.60 26.34 -3.07
C LEU C 194 -11.81 25.13 -3.53
N ARG C 195 -12.52 24.08 -3.93
CA ARG C 195 -11.87 22.86 -4.40
C ARG C 195 -10.90 23.20 -5.52
N LEU C 196 -11.41 23.91 -6.53
CA LEU C 196 -10.59 24.28 -7.67
C LEU C 196 -9.30 24.97 -7.21
N ALA C 197 -9.47 25.91 -6.27
CA ALA C 197 -8.33 26.63 -5.74
C ALA C 197 -7.41 25.62 -5.09
N SER C 198 -8.01 24.62 -4.43
CA SER C 198 -7.22 23.59 -3.77
C SER C 198 -6.39 22.81 -4.73
N HIS C 199 -7.01 22.22 -5.77
CA HIS C 199 -6.21 21.44 -6.71
C HIS C 199 -5.11 22.25 -7.37
N LEU C 200 -5.43 23.48 -7.75
CA LEU C 200 -4.46 24.34 -8.38
C LEU C 200 -3.25 24.51 -7.46
N ASN C 201 -3.49 24.60 -6.16
CA ASN C 201 -2.38 24.77 -5.23
C ASN C 201 -1.59 23.50 -4.98
N LEU C 202 -2.27 22.37 -4.84
CA LEU C 202 -1.55 21.14 -4.63
C LEU C 202 -0.60 21.01 -5.82
N ALA C 203 -1.13 21.23 -7.02
CA ALA C 203 -0.32 21.13 -8.23
C ALA C 203 0.92 22.01 -8.09
N MET C 204 0.70 23.26 -7.69
CA MET C 204 1.76 24.22 -7.50
C MET C 204 2.82 23.73 -6.50
N CYS C 205 2.38 23.07 -5.44
CA CYS C 205 3.29 22.55 -4.42
C CYS C 205 4.08 21.35 -4.94
N HIS C 206 3.40 20.48 -5.67
CA HIS C 206 4.04 19.31 -6.22
C HIS C 206 5.14 19.69 -7.20
N LEU C 207 4.89 20.74 -7.98
CA LEU C 207 5.90 21.18 -8.93
C LEU C 207 7.12 21.61 -8.15
N LYS C 208 6.87 22.29 -7.04
CA LYS C 208 7.95 22.77 -6.21
C LYS C 208 8.71 21.60 -5.59
N LEU C 209 7.99 20.53 -5.30
CA LEU C 209 8.60 19.35 -4.69
C LEU C 209 9.14 18.40 -5.74
N GLN C 210 9.13 18.84 -7.00
CA GLN C 210 9.62 18.00 -8.09
C GLN C 210 8.83 16.68 -8.17
N ALA C 211 7.59 16.69 -7.71
CA ALA C 211 6.73 15.52 -7.75
C ALA C 211 5.79 15.67 -8.95
N PHE C 212 6.37 15.62 -10.15
CA PHE C 212 5.62 15.82 -11.38
C PHE C 212 4.41 14.96 -11.68
N SER C 213 4.43 13.69 -11.31
CA SER C 213 3.29 12.84 -11.59
C SER C 213 2.06 13.33 -10.82
N ALA C 214 2.23 13.63 -9.54
CA ALA C 214 1.12 14.10 -8.72
C ALA C 214 0.67 15.48 -9.18
N ALA C 215 1.64 16.27 -9.64
CA ALA C 215 1.33 17.61 -10.12
C ALA C 215 0.35 17.51 -11.28
N ILE C 216 0.59 16.56 -12.16
CA ILE C 216 -0.29 16.38 -13.29
C ILE C 216 -1.68 15.91 -12.89
N GLU C 217 -1.75 15.06 -11.88
CA GLU C 217 -3.04 14.54 -11.43
C GLU C 217 -3.88 15.63 -10.82
N SER C 218 -3.23 16.55 -10.13
CA SER C 218 -3.93 17.64 -9.50
C SER C 218 -4.41 18.60 -10.57
N CYS C 219 -3.62 18.79 -11.62
CA CYS C 219 -4.03 19.69 -12.69
C CYS C 219 -5.28 19.13 -13.35
N ASN C 220 -5.37 17.81 -13.37
CA ASN C 220 -6.50 17.15 -13.96
C ASN C 220 -7.69 17.29 -13.06
N LYS C 221 -7.46 17.07 -11.78
CA LYS C 221 -8.55 17.18 -10.83
C LYS C 221 -9.06 18.63 -10.79
N ALA C 222 -8.26 19.56 -11.30
CA ALA C 222 -8.64 20.96 -11.30
C ALA C 222 -9.36 21.28 -12.60
N LEU C 223 -8.76 20.91 -13.72
CA LEU C 223 -9.35 21.15 -15.01
C LEU C 223 -10.77 20.59 -15.12
N GLU C 224 -11.11 19.62 -14.28
CA GLU C 224 -12.44 19.03 -14.26
C GLU C 224 -13.45 20.06 -13.78
N LEU C 225 -12.98 21.03 -13.01
CA LEU C 225 -13.87 22.05 -12.47
C LEU C 225 -13.87 23.35 -13.28
N ASP C 226 -12.78 23.62 -13.99
CA ASP C 226 -12.66 24.83 -14.79
C ASP C 226 -11.89 24.45 -16.03
N SER C 227 -12.57 23.70 -16.89
CA SER C 227 -11.99 23.21 -18.12
C SER C 227 -11.00 24.15 -18.85
N ASN C 228 -11.20 25.46 -18.75
CA ASN C 228 -10.33 26.41 -19.43
C ASN C 228 -9.35 27.15 -18.53
N ASN C 229 -9.16 26.63 -17.34
CA ASN C 229 -8.29 27.25 -16.37
C ASN C 229 -6.84 27.47 -16.83
N GLU C 230 -6.43 28.73 -16.83
CA GLU C 230 -5.08 29.13 -17.23
C GLU C 230 -3.96 28.54 -16.38
N LYS C 231 -4.09 28.58 -15.06
CA LYS C 231 -3.06 28.00 -14.21
C LYS C 231 -3.12 26.47 -14.33
N GLY C 232 -4.33 25.93 -14.32
CA GLY C 232 -4.49 24.50 -14.43
C GLY C 232 -3.68 24.00 -15.60
N LEU C 233 -4.05 24.45 -16.79
CA LEU C 233 -3.38 24.07 -18.04
C LEU C 233 -1.90 24.44 -18.06
N PHE C 234 -1.57 25.62 -17.56
CA PHE C 234 -0.20 26.10 -17.56
C PHE C 234 0.70 25.27 -16.64
N ARG C 235 0.19 24.88 -15.49
CA ARG C 235 1.01 24.11 -14.57
C ARG C 235 1.17 22.67 -15.05
N ARG C 236 0.17 22.17 -15.76
CA ARG C 236 0.25 20.81 -16.27
C ARG C 236 1.24 20.75 -17.40
N GLY C 237 1.23 21.79 -18.22
CA GLY C 237 2.17 21.83 -19.33
C GLY C 237 3.55 21.80 -18.74
N GLU C 238 3.71 22.50 -17.62
CA GLU C 238 4.97 22.56 -16.92
C GLU C 238 5.40 21.16 -16.42
N ALA C 239 4.47 20.44 -15.82
CA ALA C 239 4.79 19.11 -15.32
C ALA C 239 5.23 18.20 -16.46
N HIS C 240 4.49 18.22 -17.56
CA HIS C 240 4.84 17.39 -18.71
C HIS C 240 6.21 17.72 -19.29
N LEU C 241 6.55 19.00 -19.36
CA LEU C 241 7.82 19.40 -19.90
C LEU C 241 8.93 18.81 -19.04
N ALA C 242 8.81 18.97 -17.73
CA ALA C 242 9.82 18.47 -16.81
C ALA C 242 10.12 16.99 -16.93
N VAL C 243 9.08 16.20 -17.17
CA VAL C 243 9.24 14.76 -17.29
C VAL C 243 9.69 14.41 -18.71
N ASN C 244 9.82 15.44 -19.54
CA ASN C 244 10.26 15.28 -20.92
C ASN C 244 9.19 14.80 -21.88
N ASP C 245 7.93 14.86 -21.46
CA ASP C 245 6.81 14.48 -22.33
C ASP C 245 6.48 15.71 -23.15
N PHE C 246 7.27 15.98 -24.18
CA PHE C 246 7.11 17.15 -25.02
C PHE C 246 5.78 17.28 -25.75
N GLU C 247 5.49 16.33 -26.63
CA GLU C 247 4.25 16.38 -27.38
C GLU C 247 3.12 16.81 -26.46
N LEU C 248 3.12 16.30 -25.23
CA LEU C 248 2.08 16.63 -24.25
C LEU C 248 2.14 18.06 -23.76
N ALA C 249 3.31 18.47 -23.29
CA ALA C 249 3.48 19.82 -22.80
C ALA C 249 3.15 20.75 -23.96
N ARG C 250 3.58 20.33 -25.15
CA ARG C 250 3.37 21.10 -26.36
C ARG C 250 1.90 21.38 -26.61
N ALA C 251 1.04 20.43 -26.31
CA ALA C 251 -0.39 20.61 -26.54
C ALA C 251 -1.02 21.48 -25.46
N ASP C 252 -0.49 21.41 -24.25
CA ASP C 252 -1.03 22.21 -23.17
C ASP C 252 -0.73 23.68 -23.36
N PHE C 253 0.53 24.00 -23.63
CA PHE C 253 0.86 25.40 -23.82
C PHE C 253 0.17 25.93 -25.05
N GLN C 254 0.12 25.13 -26.12
CA GLN C 254 -0.55 25.57 -27.33
C GLN C 254 -1.94 26.04 -26.92
N LYS C 255 -2.62 25.23 -26.11
CA LYS C 255 -3.95 25.58 -25.66
C LYS C 255 -3.97 26.79 -24.74
N VAL C 256 -2.88 27.03 -24.02
CA VAL C 256 -2.87 28.19 -23.15
C VAL C 256 -2.89 29.45 -24.00
N LEU C 257 -2.02 29.53 -25.00
CA LEU C 257 -1.96 30.70 -25.89
C LEU C 257 -3.26 30.86 -26.66
N GLN C 258 -3.95 29.75 -26.92
CA GLN C 258 -5.21 29.82 -27.64
C GLN C 258 -6.23 30.57 -26.82
N LEU C 259 -6.34 30.24 -25.54
CA LEU C 259 -7.29 30.93 -24.68
C LEU C 259 -6.71 32.21 -24.09
N TYR C 260 -5.40 32.22 -23.83
CA TYR C 260 -4.73 33.39 -23.26
C TYR C 260 -3.44 33.63 -24.02
N PRO C 261 -3.52 34.38 -25.13
CA PRO C 261 -2.40 34.72 -26.01
C PRO C 261 -1.30 35.57 -25.38
N ASN C 262 -1.67 36.51 -24.53
CA ASN C 262 -0.70 37.37 -23.88
C ASN C 262 -0.09 36.63 -22.71
N ASN C 263 0.06 35.33 -22.84
CA ASN C 263 0.61 34.56 -21.75
C ASN C 263 2.12 34.42 -21.80
N LYS C 264 2.76 35.10 -20.87
CA LYS C 264 4.21 35.12 -20.67
C LYS C 264 4.95 33.85 -21.10
N ALA C 265 5.11 32.95 -20.13
CA ALA C 265 5.82 31.69 -20.30
C ALA C 265 5.17 30.65 -21.21
N ALA C 266 3.90 30.83 -21.54
CA ALA C 266 3.24 29.88 -22.43
C ALA C 266 3.95 29.96 -23.77
N LYS C 267 4.00 31.16 -24.32
CA LYS C 267 4.66 31.37 -25.61
C LYS C 267 6.13 30.93 -25.52
N THR C 268 6.78 31.31 -24.43
CA THR C 268 8.19 30.99 -24.21
C THR C 268 8.54 29.51 -24.31
N GLN C 269 7.75 28.69 -23.64
CA GLN C 269 8.03 27.26 -23.64
C GLN C 269 7.43 26.49 -24.81
N LEU C 270 6.33 26.99 -25.36
CA LEU C 270 5.72 26.32 -26.50
C LEU C 270 6.86 26.15 -27.51
N ALA C 271 7.82 27.07 -27.42
CA ALA C 271 8.97 27.06 -28.29
C ALA C 271 9.92 25.96 -27.86
N VAL C 272 10.31 25.99 -26.60
CA VAL C 272 11.20 24.96 -26.08
C VAL C 272 10.73 23.58 -26.57
N CYS C 273 9.44 23.32 -26.41
CA CYS C 273 8.88 22.05 -26.82
C CYS C 273 9.08 21.82 -28.31
N GLN C 274 8.75 22.82 -29.11
CA GLN C 274 8.91 22.71 -30.54
C GLN C 274 10.39 22.46 -30.86
N GLN C 275 11.28 22.93 -29.98
CA GLN C 275 12.71 22.75 -30.18
C GLN C 275 13.23 21.37 -29.80
N ARG C 276 12.75 20.82 -28.70
CA ARG C 276 13.20 19.50 -28.30
C ARG C 276 12.55 18.47 -29.23
N ILE C 277 11.30 18.76 -29.64
CA ILE C 277 10.58 17.87 -30.53
C ILE C 277 11.35 17.76 -31.83
N ARG C 278 11.69 18.93 -32.38
CA ARG C 278 12.42 19.05 -33.63
C ARG C 278 13.65 18.15 -33.59
N ARG C 279 14.40 18.25 -32.49
CA ARG C 279 15.59 17.43 -32.31
C ARG C 279 15.29 15.93 -32.36
N GLN C 280 14.31 15.49 -31.57
CA GLN C 280 13.93 14.07 -31.53
C GLN C 280 13.67 13.57 -32.95
N LEU C 281 12.84 14.29 -33.68
CA LEU C 281 12.52 13.88 -35.04
C LEU C 281 13.76 13.59 -35.86
N ALA C 282 14.67 14.56 -35.91
CA ALA C 282 15.90 14.39 -36.67
C ALA C 282 16.69 13.21 -36.14
N ARG C 283 16.89 13.18 -34.83
CA ARG C 283 17.63 12.11 -34.15
C ARG C 283 17.04 10.75 -34.50
N GLU C 284 15.71 10.66 -34.53
CA GLU C 284 15.05 9.40 -34.83
C GLU C 284 15.09 9.08 -36.32
N LYS C 285 14.99 10.09 -37.16
CA LYS C 285 15.01 9.88 -38.60
C LYS C 285 16.30 9.20 -39.01
N LYS C 286 17.44 9.80 -38.65
CA LYS C 286 18.73 9.22 -38.97
C LYS C 286 18.73 7.76 -38.53
N LEU C 287 18.25 7.53 -37.32
CA LEU C 287 18.19 6.18 -36.79
C LEU C 287 17.51 5.25 -37.78
N TYR C 288 16.30 5.59 -38.20
CA TYR C 288 15.56 4.74 -39.15
C TYR C 288 16.26 4.64 -40.49
N ALA C 289 16.92 5.72 -40.89
CA ALA C 289 17.65 5.74 -42.15
C ALA C 289 18.71 4.67 -42.06
N ASN C 290 19.44 4.64 -40.95
CA ASN C 290 20.49 3.66 -40.75
C ASN C 290 19.93 2.25 -40.59
N MET C 291 18.82 2.12 -39.87
CA MET C 291 18.21 0.81 -39.68
C MET C 291 17.89 0.21 -41.04
N PHE C 292 17.25 1.00 -41.89
CA PHE C 292 16.91 0.55 -43.23
C PHE C 292 18.21 0.16 -43.90
N GLU C 293 19.16 1.09 -43.89
CA GLU C 293 20.47 0.90 -44.49
C GLU C 293 20.99 -0.51 -44.28
N ARG C 294 20.95 -0.98 -43.04
CA ARG C 294 21.44 -2.32 -42.72
C ARG C 294 20.55 -3.44 -43.23
N LEU C 295 19.25 -3.32 -42.97
CA LEU C 295 18.32 -4.35 -43.43
C LEU C 295 18.61 -4.66 -44.90
N ALA C 296 18.98 -3.62 -45.65
CA ALA C 296 19.30 -3.74 -47.07
C ALA C 296 20.52 -4.62 -47.26
N GLU C 297 21.65 -4.17 -46.75
CA GLU C 297 22.92 -4.90 -46.87
C GLU C 297 22.80 -6.34 -46.34
N GLU C 298 21.87 -6.55 -45.42
CA GLU C 298 21.66 -7.88 -44.86
C GLU C 298 20.96 -8.78 -45.87
N GLU C 299 19.98 -8.22 -46.60
CA GLU C 299 19.28 -9.02 -47.61
C GLU C 299 20.26 -9.41 -48.70
N ASN C 300 21.33 -8.64 -48.86
CA ASN C 300 22.35 -8.92 -49.85
C ASN C 300 23.25 -10.04 -49.29
N LYS C 301 22.62 -11.18 -49.05
CA LYS C 301 23.26 -12.37 -48.52
C LYS C 301 22.39 -13.54 -48.98
N ALA C 302 22.80 -14.21 -50.03
CA ALA C 302 22.04 -15.35 -50.57
C ALA C 302 22.95 -16.48 -51.09
N MET D 1 15.21 -20.49 42.21
CA MET D 1 13.72 -20.53 42.27
C MET D 1 13.13 -19.27 41.64
N GLU D 2 11.84 -19.30 41.37
CA GLU D 2 11.15 -18.16 40.78
C GLU D 2 10.42 -17.40 41.91
N GLU D 3 10.80 -16.14 42.13
CA GLU D 3 10.21 -15.32 43.19
C GLU D 3 9.79 -13.92 42.70
N VAL D 4 10.38 -12.91 43.33
CA VAL D 4 10.15 -11.48 43.02
C VAL D 4 8.85 -10.87 43.56
N ASP D 5 7.72 -11.31 43.02
CA ASP D 5 6.40 -10.79 43.41
C ASP D 5 5.84 -11.44 44.70
N MET E 1 -29.41 9.92 -33.83
CA MET E 1 -30.72 10.11 -33.13
C MET E 1 -30.53 10.19 -31.60
N GLU E 2 -29.59 11.04 -31.17
CA GLU E 2 -29.31 11.19 -29.74
C GLU E 2 -30.12 12.27 -29.02
N GLU E 3 -29.55 12.78 -27.91
CA GLU E 3 -30.25 13.74 -27.05
C GLU E 3 -30.31 15.24 -27.31
N VAL E 4 -31.29 15.84 -26.64
CA VAL E 4 -31.66 17.26 -26.68
C VAL E 4 -30.55 18.29 -26.53
N ASP E 5 -30.14 18.51 -25.29
CA ASP E 5 -29.12 19.50 -24.95
C ASP E 5 -29.84 20.85 -24.90
#